data_8DMS
#
_entry.id   8DMS
#
_cell.length_a   108.957
_cell.length_b   108.957
_cell.length_c   209.546
_cell.angle_alpha   90.000
_cell.angle_beta   90.000
_cell.angle_gamma   120.000
#
_symmetry.space_group_name_H-M   'P 31 2 1'
#
loop_
_entity.id
_entity.type
_entity.pdbx_description
1 polymer MavL
2 polymer Ubiquitin
3 non-polymer '[(2R,3S,4R,5R)-5-(6-AMINOPURIN-9-YL)-3,4-DIHYDROXY-OXOLAN-2-YL]METHYL [HYDROXY-[[(2R,3S,4R,5S)-3,4,5-TRIHYDROXYOXOLAN-2-YL]METHOXY]PHOSPHORYL] HYDROGEN PHOSPHATE'
4 non-polymer 'PENTAETHYLENE GLYCOL'
5 non-polymer 'METHYL 4-AMINOBUTANOATE'
6 non-polymer 'CITRATE ANION'
7 water water
#
loop_
_entity_poly.entity_id
_entity_poly.type
_entity_poly.pdbx_seq_one_letter_code
_entity_poly.pdbx_strand_id
1 'polypeptide(L)'
;GPLGSAYQLLLSKETLNKILQYKQNLEKGLATPGKFFLEELSKQEKSISEMDITTFTQLLIQSKKPQVFAESQVYHDGTD
WTLEEESILGDVSVNMPVTMYNDGGHGSSFKNHPKPISGYLAYVPGALLASGSGPTSDMKEVLDNGKLNQDKLNALYERR
LLPQLIHFNELARQNEKQAAITIPGIGTGCFSGAYYDVIKPYVRNALIHILEKHKDSLPYIDIIHYDPYMGDEPAEKKIG
HMSFRVSPSGVVRGTTGQLDYPLGSNPDTHILVSIVAWDHFSWPGNDYWGGARQTDDGVKAASTDTMGQVTGATGVYDKK
WGRYMPPESFTKDRKGMSDWGDYVRENGIVFNGPVLALDKSGKLDTLENVASRSSKAKVETTTTISDLVRSMFSLFSHS
;
A,B
2 'polypeptide(L)' MQIFVKTLTGKTITLEVEPSDTIENVKAKIQDKEGIPPDQQRLIFAGKQLEDGRTLSDYNIQKESTLHLVLRLRG C,D
#
# COMPACT_ATOMS: atom_id res chain seq x y z
N SER A 5 -34.39 -13.82 5.39
CA SER A 5 -34.46 -14.43 4.06
C SER A 5 -33.74 -13.58 3.02
N ALA A 6 -33.31 -12.39 3.43
CA ALA A 6 -32.70 -11.46 2.48
C ALA A 6 -31.34 -11.94 2.00
N TYR A 7 -30.64 -12.78 2.76
CA TYR A 7 -29.35 -13.28 2.33
C TYR A 7 -29.16 -14.69 2.88
N GLN A 8 -28.25 -15.43 2.26
CA GLN A 8 -28.04 -16.83 2.60
C GLN A 8 -26.54 -17.13 2.68
N LEU A 9 -26.12 -17.72 3.80
CA LEU A 9 -24.72 -18.05 4.01
C LEU A 9 -24.49 -19.51 3.61
N LEU A 10 -23.34 -19.76 2.97
CA LEU A 10 -23.00 -21.09 2.50
C LEU A 10 -21.56 -21.42 2.86
N LEU A 11 -21.27 -22.71 2.97
CA LEU A 11 -19.93 -23.19 3.30
C LEU A 11 -19.78 -24.64 2.87
N SER A 12 -18.52 -25.06 2.75
CA SER A 12 -18.17 -26.37 2.22
C SER A 12 -18.24 -27.45 3.30
N LYS A 13 -18.20 -28.70 2.85
CA LYS A 13 -18.16 -29.83 3.78
C LYS A 13 -16.91 -29.78 4.64
N GLU A 14 -15.75 -29.47 4.05
CA GLU A 14 -14.52 -29.33 4.81
C GLU A 14 -14.66 -28.26 5.89
N THR A 15 -15.30 -27.13 5.56
CA THR A 15 -15.51 -26.09 6.55
C THR A 15 -16.39 -26.57 7.70
N LEU A 16 -17.45 -27.32 7.36
CA LEU A 16 -18.29 -27.89 8.40
C LEU A 16 -17.49 -28.79 9.34
N ASN A 17 -16.58 -29.59 8.78
CA ASN A 17 -15.71 -30.41 9.62
C ASN A 17 -14.88 -29.55 10.55
N LYS A 18 -14.37 -28.42 10.04
CA LYS A 18 -13.64 -27.48 10.89
C LYS A 18 -14.53 -26.98 12.02
N ILE A 19 -15.78 -26.64 11.71
CA ILE A 19 -16.69 -26.11 12.73
C ILE A 19 -17.01 -27.18 13.76
N LEU A 20 -17.24 -28.42 13.31
CA LEU A 20 -17.49 -29.52 14.24
C LEU A 20 -16.27 -29.76 15.14
N GLN A 21 -15.06 -29.76 14.55
CA GLN A 21 -13.82 -29.81 15.33
C GLN A 21 -13.89 -28.79 16.46
N TYR A 22 -14.11 -27.54 16.09
CA TYR A 22 -14.03 -26.41 17.01
C TYR A 22 -15.07 -26.52 18.11
N LYS A 23 -16.32 -26.77 17.72
CA LYS A 23 -17.40 -26.89 18.71
C LYS A 23 -17.11 -28.03 19.69
N GLN A 24 -16.67 -29.17 19.18
CA GLN A 24 -16.33 -30.31 20.04
C GLN A 24 -15.27 -29.94 21.07
N ASN A 25 -14.25 -29.19 20.65
CA ASN A 25 -13.16 -28.88 21.55
C ASN A 25 -13.56 -27.81 22.56
N LEU A 26 -14.39 -26.84 22.16
CA LEU A 26 -14.94 -25.90 23.13
C LEU A 26 -15.79 -26.63 24.17
N GLU A 27 -16.59 -27.60 23.73
CA GLU A 27 -17.43 -28.36 24.65
C GLU A 27 -16.59 -29.11 25.67
N LYS A 28 -15.38 -29.52 25.29
CA LYS A 28 -14.49 -30.28 26.17
C LYS A 28 -13.57 -29.38 27.00
N GLY A 29 -13.57 -28.07 26.75
CA GLY A 29 -12.66 -27.18 27.43
C GLY A 29 -11.28 -27.11 26.83
N LEU A 30 -11.06 -27.76 25.69
CA LEU A 30 -9.73 -27.90 25.11
C LEU A 30 -9.42 -26.82 24.07
N ALA A 31 -10.37 -25.94 23.77
CA ALA A 31 -10.13 -24.78 22.93
C ALA A 31 -10.73 -23.56 23.61
N THR A 32 -10.22 -22.40 23.23
CA THR A 32 -10.68 -21.15 23.82
C THR A 32 -11.19 -20.20 22.73
N PRO A 33 -12.34 -19.56 22.93
CA PRO A 33 -12.86 -18.67 21.91
C PRO A 33 -12.04 -17.39 21.86
N GLY A 34 -12.12 -16.72 20.71
CA GLY A 34 -11.60 -15.36 20.62
C GLY A 34 -12.55 -14.37 21.25
N LYS A 35 -12.03 -13.16 21.51
CA LYS A 35 -12.81 -12.18 22.25
C LYS A 35 -14.10 -11.82 21.55
N PHE A 36 -14.06 -11.63 20.23
CA PHE A 36 -15.26 -11.16 19.54
C PHE A 36 -16.31 -12.27 19.45
N PHE A 37 -15.90 -13.50 19.18
CA PHE A 37 -16.84 -14.63 19.24
C PHE A 37 -17.40 -14.78 20.65
N LEU A 38 -16.57 -14.61 21.68
CA LEU A 38 -17.05 -14.74 23.05
C LEU A 38 -18.14 -13.71 23.35
N GLU A 39 -17.97 -12.48 22.87
CA GLU A 39 -19.00 -11.46 23.08
C GLU A 39 -20.33 -11.87 22.48
N GLU A 40 -20.32 -12.43 21.26
CA GLU A 40 -21.57 -12.87 20.65
C GLU A 40 -22.20 -14.02 21.42
N LEU A 41 -21.38 -14.99 21.85
CA LEU A 41 -21.88 -16.09 22.67
C LEU A 41 -22.52 -15.60 23.95
N SER A 42 -21.91 -14.61 24.60
CA SER A 42 -22.38 -14.19 25.91
C SER A 42 -23.62 -13.30 25.83
N LYS A 43 -24.06 -12.92 24.63
CA LYS A 43 -25.32 -12.18 24.49
C LYS A 43 -26.53 -13.09 24.41
N GLN A 44 -26.35 -14.40 24.34
CA GLN A 44 -27.46 -15.35 24.34
C GLN A 44 -27.29 -16.33 25.50
N GLU A 45 -28.22 -17.28 25.60
CA GLU A 45 -28.38 -18.05 26.83
C GLU A 45 -27.90 -19.49 26.76
N LYS A 46 -27.69 -20.05 25.57
CA LYS A 46 -27.36 -21.47 25.47
C LYS A 46 -25.88 -21.72 25.69
N SER A 47 -25.57 -22.83 26.36
CA SER A 47 -24.19 -23.30 26.40
C SER A 47 -23.78 -23.82 25.03
N ILE A 48 -22.47 -23.99 24.84
CA ILE A 48 -21.96 -24.49 23.57
C ILE A 48 -22.60 -25.81 23.22
N SER A 49 -22.67 -26.73 24.18
CA SER A 49 -23.22 -28.05 23.88
C SER A 49 -24.73 -28.05 23.78
N GLU A 50 -25.43 -27.05 24.36
CA GLU A 50 -26.87 -26.98 24.20
C GLU A 50 -27.27 -26.51 22.79
N MET A 51 -26.50 -25.61 22.21
CA MET A 51 -26.85 -25.06 20.90
C MET A 51 -26.49 -26.03 19.78
N ASP A 52 -27.29 -26.02 18.72
CA ASP A 52 -26.99 -26.87 17.59
C ASP A 52 -25.87 -26.28 16.74
N ILE A 53 -25.43 -27.05 15.74
CA ILE A 53 -24.27 -26.65 14.96
C ILE A 53 -24.57 -25.40 14.13
N THR A 54 -25.81 -25.24 13.68
CA THR A 54 -26.20 -24.06 12.92
C THR A 54 -26.14 -22.80 13.77
N THR A 55 -26.69 -22.86 14.98
CA THR A 55 -26.66 -21.70 15.88
C THR A 55 -25.22 -21.31 16.22
N PHE A 56 -24.39 -22.30 16.54
CA PHE A 56 -22.98 -22.07 16.79
C PHE A 56 -22.31 -21.37 15.60
N THR A 57 -22.50 -21.91 14.40
CA THR A 57 -21.92 -21.29 13.21
C THR A 57 -22.43 -19.86 13.02
N GLN A 58 -23.74 -19.65 13.23
CA GLN A 58 -24.30 -18.32 13.08
C GLN A 58 -23.68 -17.33 14.05
N LEU A 59 -23.44 -17.75 15.30
CA LEU A 59 -22.89 -16.83 16.29
C LEU A 59 -21.43 -16.49 15.97
N LEU A 60 -20.70 -17.42 15.36
CA LEU A 60 -19.34 -17.10 14.92
C LEU A 60 -19.36 -16.09 13.79
N ILE A 61 -20.21 -16.35 12.78
CA ILE A 61 -20.38 -15.40 11.67
C ILE A 61 -20.80 -14.03 12.21
N GLN A 62 -21.61 -14.02 13.27
CA GLN A 62 -22.11 -12.77 13.82
C GLN A 62 -21.00 -11.93 14.46
N SER A 63 -19.84 -12.54 14.74
CA SER A 63 -18.73 -11.78 15.31
C SER A 63 -18.03 -10.89 14.29
N LYS A 64 -18.37 -11.02 13.00
CA LYS A 64 -17.86 -10.08 12.00
C LYS A 64 -18.28 -8.66 12.34
N LYS A 65 -17.48 -7.69 11.87
CA LYS A 65 -17.76 -6.28 12.05
C LYS A 65 -18.02 -5.63 10.70
N PRO A 66 -18.85 -4.59 10.64
CA PRO A 66 -19.18 -4.00 9.33
C PRO A 66 -17.98 -3.66 8.47
N GLN A 67 -17.00 -2.93 9.01
CA GLN A 67 -15.84 -2.48 8.25
C GLN A 67 -14.56 -2.92 8.96
N VAL A 68 -13.73 -3.68 8.26
CA VAL A 68 -12.47 -4.20 8.80
C VAL A 68 -11.39 -4.04 7.75
N PHE A 69 -10.24 -3.49 8.15
CA PHE A 69 -9.05 -3.51 7.30
C PHE A 69 -8.36 -4.86 7.49
N ALA A 70 -8.88 -5.85 6.76
CA ALA A 70 -8.51 -7.25 6.98
C ALA A 70 -7.03 -7.53 6.76
N GLU A 71 -6.39 -6.86 5.82
CA GLU A 71 -4.98 -7.03 5.51
C GLU A 71 -4.00 -6.32 6.47
N SER A 72 -4.47 -5.50 7.42
CA SER A 72 -3.44 -4.82 8.20
C SER A 72 -3.76 -4.57 9.67
N GLN A 73 -5.04 -4.57 10.05
CA GLN A 73 -5.44 -4.20 11.39
C GLN A 73 -6.16 -5.33 12.11
N VAL A 74 -5.81 -6.56 11.76
CA VAL A 74 -6.28 -7.76 12.45
C VAL A 74 -5.06 -8.47 13.01
N TYR A 75 -5.22 -9.10 14.18
CA TYR A 75 -4.08 -9.58 14.94
C TYR A 75 -4.02 -11.10 15.08
N HIS A 76 -5.09 -11.82 14.78
CA HIS A 76 -5.07 -13.28 14.71
C HIS A 76 -4.65 -13.94 16.03
N ASP A 77 -4.78 -13.24 17.16
CA ASP A 77 -4.18 -13.70 18.41
C ASP A 77 -5.19 -13.94 19.52
N GLY A 78 -6.49 -13.94 19.22
CA GLY A 78 -7.49 -14.10 20.24
C GLY A 78 -7.99 -12.81 20.86
N THR A 79 -7.25 -11.71 20.73
CA THR A 79 -7.78 -10.42 21.16
C THR A 79 -8.86 -9.92 20.22
N ASP A 80 -8.88 -10.38 18.96
CA ASP A 80 -10.01 -10.16 18.07
C ASP A 80 -10.57 -11.50 17.60
N TRP A 81 -9.84 -12.22 16.75
CA TRP A 81 -10.20 -13.58 16.36
C TRP A 81 -8.99 -14.48 16.53
N THR A 82 -9.24 -15.76 16.79
CA THR A 82 -8.18 -16.76 16.75
C THR A 82 -8.01 -17.27 15.33
N LEU A 83 -6.87 -17.92 15.08
CA LEU A 83 -6.62 -18.50 13.76
C LEU A 83 -7.61 -19.61 13.44
N GLU A 84 -8.04 -20.39 14.44
CA GLU A 84 -9.05 -21.41 14.19
C GLU A 84 -10.37 -20.78 13.72
N GLU A 85 -10.76 -19.67 14.33
CA GLU A 85 -11.96 -18.97 13.88
C GLU A 85 -11.75 -18.36 12.50
N GLU A 86 -10.57 -17.76 12.28
CA GLU A 86 -10.25 -17.19 10.99
C GLU A 86 -10.34 -18.23 9.87
N SER A 87 -9.83 -19.44 10.13
CA SER A 87 -9.87 -20.48 9.11
C SER A 87 -11.30 -20.81 8.71
N ILE A 88 -12.23 -20.77 9.66
CA ILE A 88 -13.63 -21.03 9.37
C ILE A 88 -14.27 -19.83 8.67
N LEU A 89 -14.10 -18.63 9.21
CA LEU A 89 -14.76 -17.45 8.64
C LEU A 89 -14.34 -17.21 7.20
N GLY A 90 -13.08 -17.51 6.84
CA GLY A 90 -12.64 -17.30 5.47
C GLY A 90 -13.37 -18.16 4.45
N ASP A 91 -13.93 -19.29 4.89
CA ASP A 91 -14.63 -20.21 4.02
C ASP A 91 -16.11 -19.89 3.86
N VAL A 92 -16.65 -18.98 4.66
CA VAL A 92 -18.07 -18.66 4.61
C VAL A 92 -18.32 -17.65 3.50
N SER A 93 -19.30 -17.93 2.65
CA SER A 93 -19.75 -17.00 1.63
C SER A 93 -21.19 -16.61 1.90
N VAL A 94 -21.64 -15.52 1.28
CA VAL A 94 -23.03 -15.09 1.43
C VAL A 94 -23.54 -14.59 0.08
N ASN A 95 -24.73 -15.04 -0.31
CA ASN A 95 -25.37 -14.55 -1.51
C ASN A 95 -26.67 -13.84 -1.16
N MET A 96 -27.15 -13.02 -2.10
CA MET A 96 -28.36 -12.23 -1.90
C MET A 96 -28.84 -11.71 -3.24
N PRO A 97 -30.15 -11.65 -3.48
CA PRO A 97 -30.64 -10.92 -4.65
C PRO A 97 -30.41 -9.44 -4.47
N VAL A 98 -30.05 -8.76 -5.56
CA VAL A 98 -29.78 -7.33 -5.52
C VAL A 98 -30.39 -6.64 -6.73
N THR A 99 -30.67 -5.36 -6.57
CA THR A 99 -30.86 -4.45 -7.69
C THR A 99 -29.53 -3.80 -8.00
N MET A 100 -29.14 -3.78 -9.26
CA MET A 100 -27.86 -3.19 -9.67
C MET A 100 -28.14 -1.86 -10.34
N TYR A 101 -27.64 -0.78 -9.73
CA TYR A 101 -27.95 0.58 -10.19
C TYR A 101 -26.95 1.11 -11.20
N ASN A 102 -25.72 0.61 -11.19
CA ASN A 102 -24.74 0.95 -12.21
C ASN A 102 -23.95 -0.32 -12.54
N ASP A 103 -23.05 -0.20 -13.52
CA ASP A 103 -22.32 -1.37 -14.00
C ASP A 103 -21.16 -1.76 -13.09
N GLY A 104 -20.97 -1.07 -11.98
CA GLY A 104 -19.91 -1.43 -11.05
C GLY A 104 -18.55 -0.85 -11.36
N GLY A 105 -18.45 0.13 -12.25
CA GLY A 105 -17.17 0.73 -12.52
C GLY A 105 -16.60 1.43 -11.30
N HIS A 106 -15.30 1.28 -11.08
CA HIS A 106 -14.65 1.91 -9.94
C HIS A 106 -14.50 3.41 -10.17
N GLY A 107 -14.24 4.13 -9.08
CA GLY A 107 -14.02 5.56 -9.17
C GLY A 107 -15.19 6.26 -9.83
N SER A 108 -14.88 7.06 -10.85
CA SER A 108 -15.90 7.79 -11.59
C SER A 108 -16.23 7.14 -12.93
N SER A 109 -15.81 5.90 -13.15
CA SER A 109 -15.99 5.23 -14.43
C SER A 109 -17.31 4.47 -14.53
N PHE A 110 -18.10 4.42 -13.46
CA PHE A 110 -19.34 3.67 -13.48
C PHE A 110 -20.35 4.28 -14.45
N LYS A 111 -21.15 3.41 -15.07
CA LYS A 111 -22.22 3.82 -15.96
C LYS A 111 -23.54 3.41 -15.33
N ASN A 112 -24.41 4.38 -15.11
CA ASN A 112 -25.70 4.10 -14.47
C ASN A 112 -26.59 3.31 -15.42
N HIS A 113 -27.27 2.31 -14.89
CA HIS A 113 -28.26 1.58 -15.69
C HIS A 113 -29.50 2.44 -15.86
N PRO A 114 -29.92 2.76 -17.09
CA PRO A 114 -31.15 3.56 -17.26
C PRO A 114 -32.34 2.97 -16.54
N LYS A 115 -32.53 1.66 -16.64
CA LYS A 115 -33.41 0.93 -15.74
C LYS A 115 -32.54 -0.01 -14.91
N PRO A 116 -32.51 0.12 -13.59
CA PRO A 116 -31.69 -0.79 -12.78
C PRO A 116 -32.08 -2.25 -13.04
N ILE A 117 -31.07 -3.12 -13.02
CA ILE A 117 -31.26 -4.50 -13.43
C ILE A 117 -31.26 -5.41 -12.20
N SER A 118 -31.89 -6.57 -12.36
CA SER A 118 -32.05 -7.55 -11.30
C SER A 118 -31.00 -8.64 -11.41
N GLY A 119 -30.41 -9.00 -10.29
CA GLY A 119 -29.39 -10.03 -10.28
C GLY A 119 -29.11 -10.52 -8.88
N TYR A 120 -27.89 -11.04 -8.69
CA TYR A 120 -27.46 -11.59 -7.42
C TYR A 120 -25.99 -11.29 -7.20
N LEU A 121 -25.61 -11.16 -5.93
CA LEU A 121 -24.22 -11.08 -5.52
C LEU A 121 -23.88 -12.28 -4.66
N ALA A 122 -22.66 -12.78 -4.79
CA ALA A 122 -22.13 -13.85 -3.95
C ALA A 122 -20.79 -13.36 -3.41
N TYR A 123 -20.77 -12.97 -2.13
CA TYR A 123 -19.55 -12.48 -1.49
C TYR A 123 -18.73 -13.68 -1.05
N VAL A 124 -17.48 -13.75 -1.50
CA VAL A 124 -16.58 -14.87 -1.24
C VAL A 124 -15.25 -14.31 -0.75
N PRO A 125 -14.77 -14.70 0.43
CA PRO A 125 -13.49 -14.14 0.91
C PRO A 125 -12.32 -14.67 0.09
N GLY A 126 -11.46 -13.75 -0.35
CA GLY A 126 -10.27 -14.14 -1.07
C GLY A 126 -9.21 -14.71 -0.15
N ALA A 127 -8.17 -15.27 -0.76
CA ALA A 127 -7.03 -15.76 0.00
C ALA A 127 -6.27 -14.59 0.58
N LEU A 128 -6.25 -14.47 1.90
CA LEU A 128 -5.65 -13.33 2.58
C LEU A 128 -4.17 -13.62 2.78
N LEU A 129 -3.33 -12.96 1.99
CA LEU A 129 -1.88 -13.15 2.05
C LEU A 129 -1.18 -11.92 2.58
N ALA A 130 -1.88 -11.09 3.34
CA ALA A 130 -1.34 -9.86 3.90
C ALA A 130 -1.69 -9.76 5.38
N SER A 131 -0.79 -9.18 6.16
CA SER A 131 -1.03 -9.05 7.58
C SER A 131 -0.15 -7.93 8.14
N GLY A 132 -0.73 -7.14 9.04
CA GLY A 132 0.05 -6.20 9.83
C GLY A 132 0.68 -6.79 11.06
N SER A 133 0.49 -8.09 11.30
CA SER A 133 1.11 -8.74 12.45
C SER A 133 1.61 -10.13 12.04
N GLY A 134 1.20 -11.17 12.76
CA GLY A 134 1.62 -12.51 12.43
C GLY A 134 0.98 -13.02 11.16
N PRO A 135 1.39 -14.21 10.73
CA PRO A 135 0.82 -14.79 9.51
C PRO A 135 -0.65 -15.10 9.66
N THR A 136 -1.39 -14.96 8.55
CA THR A 136 -2.81 -15.28 8.53
C THR A 136 -3.01 -16.78 8.39
N SER A 137 -4.27 -17.21 8.57
CA SER A 137 -4.61 -18.60 8.35
C SER A 137 -4.38 -19.01 6.89
N ASP A 138 -4.75 -18.13 5.95
CA ASP A 138 -4.57 -18.46 4.54
C ASP A 138 -3.10 -18.56 4.18
N MET A 139 -2.26 -17.70 4.77
CA MET A 139 -0.82 -17.78 4.55
C MET A 139 -0.26 -19.13 5.00
N LYS A 140 -0.65 -19.56 6.21
CA LYS A 140 -0.20 -20.87 6.69
C LYS A 140 -0.70 -21.98 5.78
N GLU A 141 -1.86 -21.80 5.17
CA GLU A 141 -2.44 -22.88 4.38
C GLU A 141 -1.77 -23.02 3.01
N VAL A 142 -1.58 -21.93 2.27
CA VAL A 142 -1.24 -22.02 0.85
C VAL A 142 0.20 -21.67 0.55
N LEU A 143 0.99 -21.22 1.52
CA LEU A 143 2.40 -20.92 1.32
C LEU A 143 3.27 -22.03 1.88
N ASP A 144 4.29 -22.44 1.11
CA ASP A 144 5.25 -23.45 1.55
C ASP A 144 6.60 -22.76 1.74
N ASN A 145 6.88 -22.36 2.98
CA ASN A 145 8.10 -21.59 3.29
C ASN A 145 8.18 -20.35 2.41
N GLY A 146 7.03 -19.70 2.18
CA GLY A 146 6.95 -18.51 1.39
C GLY A 146 6.49 -18.70 -0.04
N LYS A 147 6.69 -19.90 -0.61
CA LYS A 147 6.29 -20.18 -1.99
C LYS A 147 4.78 -20.34 -2.08
N LEU A 148 4.14 -19.56 -2.96
CA LEU A 148 2.77 -19.89 -3.33
C LEU A 148 2.67 -21.29 -3.94
N ASN A 149 1.67 -22.03 -3.47
CA ASN A 149 1.43 -23.40 -3.91
C ASN A 149 0.13 -23.41 -4.68
N GLN A 150 0.22 -23.59 -6.00
CA GLN A 150 -0.96 -23.48 -6.86
C GLN A 150 -2.03 -24.50 -6.48
N ASP A 151 -1.63 -25.74 -6.20
CA ASP A 151 -2.60 -26.76 -5.85
C ASP A 151 -3.33 -26.43 -4.55
N LYS A 152 -2.61 -25.87 -3.57
CA LYS A 152 -3.27 -25.52 -2.32
C LYS A 152 -4.18 -24.31 -2.51
N LEU A 153 -3.72 -23.31 -3.25
CA LEU A 153 -4.60 -22.19 -3.59
C LEU A 153 -5.83 -22.67 -4.33
N ASN A 154 -5.66 -23.61 -5.27
CA ASN A 154 -6.80 -24.22 -5.97
C ASN A 154 -7.80 -24.81 -4.99
N ALA A 155 -7.31 -25.59 -4.03
CA ALA A 155 -8.22 -26.22 -3.08
C ALA A 155 -8.95 -25.21 -2.21
N LEU A 156 -8.29 -24.09 -1.88
CA LEU A 156 -8.93 -23.07 -1.05
C LEU A 156 -10.07 -22.41 -1.81
N TYR A 157 -9.82 -21.99 -3.05
CA TYR A 157 -10.89 -21.35 -3.82
C TYR A 157 -11.99 -22.33 -4.17
N GLU A 158 -11.64 -23.59 -4.45
CA GLU A 158 -12.68 -24.60 -4.67
C GLU A 158 -13.60 -24.71 -3.47
N ARG A 159 -13.00 -24.79 -2.28
CA ARG A 159 -13.75 -24.86 -1.03
C ARG A 159 -14.74 -23.70 -0.92
N ARG A 160 -14.31 -22.50 -1.27
CA ARG A 160 -15.08 -21.30 -0.98
C ARG A 160 -16.07 -20.95 -2.08
N LEU A 161 -15.72 -21.25 -3.35
CA LEU A 161 -16.56 -20.87 -4.48
C LEU A 161 -17.60 -21.91 -4.84
N LEU A 162 -17.26 -23.21 -4.76
CA LEU A 162 -18.15 -24.25 -5.24
C LEU A 162 -19.55 -24.21 -4.64
N PRO A 163 -19.74 -24.02 -3.32
CA PRO A 163 -21.12 -23.93 -2.80
C PRO A 163 -21.96 -22.87 -3.50
N GLN A 164 -21.36 -21.72 -3.85
CA GLN A 164 -22.12 -20.69 -4.54
C GLN A 164 -22.42 -21.09 -5.99
N LEU A 165 -21.47 -21.76 -6.66
CA LEU A 165 -21.73 -22.23 -8.02
C LEU A 165 -22.84 -23.28 -8.03
N ILE A 166 -22.82 -24.19 -7.05
CA ILE A 166 -23.89 -25.17 -6.94
C ILE A 166 -25.22 -24.48 -6.69
N HIS A 167 -25.23 -23.50 -5.77
CA HIS A 167 -26.45 -22.76 -5.49
C HIS A 167 -27.04 -22.15 -6.76
N PHE A 168 -26.23 -21.41 -7.52
CA PHE A 168 -26.77 -20.67 -8.65
C PHE A 168 -27.01 -21.52 -9.88
N ASN A 169 -26.31 -22.66 -10.01
CA ASN A 169 -26.73 -23.66 -11.00
C ASN A 169 -28.16 -24.08 -10.74
N GLU A 170 -28.48 -24.39 -9.47
CA GLU A 170 -29.82 -24.80 -9.10
C GLU A 170 -30.83 -23.67 -9.30
N LEU A 171 -30.47 -22.45 -8.91
CA LEU A 171 -31.37 -21.31 -9.07
C LEU A 171 -31.66 -21.04 -10.54
N ALA A 172 -30.64 -21.11 -11.39
CA ALA A 172 -30.86 -20.96 -12.83
C ALA A 172 -31.85 -22.00 -13.34
N ARG A 173 -31.64 -23.27 -12.95
CA ARG A 173 -32.56 -24.33 -13.36
C ARG A 173 -33.99 -24.04 -12.91
N GLN A 174 -34.15 -23.57 -11.67
CA GLN A 174 -35.49 -23.31 -11.17
C GLN A 174 -36.18 -22.19 -11.94
N ASN A 175 -35.42 -21.22 -12.42
CA ASN A 175 -35.98 -20.12 -13.19
C ASN A 175 -36.00 -20.40 -14.69
N GLU A 176 -35.71 -21.64 -15.09
CA GLU A 176 -35.66 -22.04 -16.50
C GLU A 176 -34.76 -21.10 -17.29
N LYS A 177 -33.59 -20.83 -16.74
CA LYS A 177 -32.61 -19.94 -17.36
C LYS A 177 -31.23 -20.58 -17.20
N GLN A 178 -30.22 -19.92 -17.74
CA GLN A 178 -28.84 -20.25 -17.48
C GLN A 178 -28.22 -19.16 -16.62
N ALA A 179 -27.01 -19.41 -16.14
CA ALA A 179 -26.32 -18.48 -15.27
C ALA A 179 -25.19 -17.80 -16.03
N ALA A 180 -25.10 -16.48 -15.86
CA ALA A 180 -23.95 -15.70 -16.30
C ALA A 180 -23.29 -15.13 -15.05
N ILE A 181 -22.01 -15.45 -14.84
CA ILE A 181 -21.30 -15.09 -13.62
C ILE A 181 -20.11 -14.23 -13.97
N THR A 182 -20.06 -13.03 -13.39
CA THR A 182 -18.90 -12.14 -13.51
C THR A 182 -18.03 -12.30 -12.28
N ILE A 183 -16.72 -12.32 -12.50
CA ILE A 183 -15.76 -12.55 -11.42
C ILE A 183 -14.65 -11.49 -11.51
N PRO A 184 -14.25 -10.89 -10.39
CA PRO A 184 -13.13 -9.94 -10.43
C PRO A 184 -11.82 -10.61 -10.07
N GLY A 185 -10.75 -9.82 -9.95
CA GLY A 185 -9.47 -10.37 -9.54
C GLY A 185 -9.45 -10.63 -8.04
N ILE A 186 -10.23 -11.62 -7.60
CA ILE A 186 -10.39 -11.89 -6.17
C ILE A 186 -9.05 -12.23 -5.55
N GLY A 187 -8.74 -11.57 -4.44
CA GLY A 187 -7.49 -11.80 -3.73
C GLY A 187 -6.24 -11.21 -4.37
N THR A 188 -6.38 -10.44 -5.45
CA THR A 188 -5.21 -9.95 -6.16
C THR A 188 -4.78 -8.55 -5.75
N GLY A 189 -5.59 -7.84 -4.98
CA GLY A 189 -5.22 -6.46 -4.66
C GLY A 189 -4.36 -6.36 -3.42
N CYS A 190 -4.86 -5.62 -2.43
CA CYS A 190 -4.18 -5.55 -1.14
C CYS A 190 -4.10 -6.92 -0.49
N PHE A 191 -5.10 -7.79 -0.72
CA PHE A 191 -5.04 -9.13 -0.12
C PHE A 191 -3.81 -9.92 -0.51
N SER A 192 -3.28 -9.71 -1.71
CA SER A 192 -2.12 -10.48 -2.15
C SER A 192 -0.86 -10.12 -1.37
N GLY A 193 -0.87 -8.99 -0.67
CA GLY A 193 0.31 -8.60 0.12
C GLY A 193 1.55 -8.54 -0.75
N ALA A 194 2.61 -9.20 -0.29
CA ALA A 194 3.87 -9.21 -1.03
C ALA A 194 3.79 -9.98 -2.34
N TYR A 195 2.67 -10.64 -2.63
CA TYR A 195 2.54 -11.46 -3.83
C TYR A 195 1.85 -10.73 -4.97
N TYR A 196 1.68 -9.40 -4.84
CA TYR A 196 0.91 -8.65 -5.82
C TYR A 196 1.44 -8.79 -7.24
N ASP A 197 2.76 -9.01 -7.40
CA ASP A 197 3.35 -9.07 -8.73
C ASP A 197 3.31 -10.47 -9.35
N VAL A 198 2.91 -11.49 -8.62
CA VAL A 198 2.85 -12.85 -9.16
C VAL A 198 1.46 -13.48 -9.06
N ILE A 199 0.52 -12.87 -8.32
CA ILE A 199 -0.71 -13.58 -7.92
C ILE A 199 -1.68 -13.78 -9.09
N LYS A 200 -1.64 -12.90 -10.12
CA LYS A 200 -2.68 -12.90 -11.16
C LYS A 200 -2.83 -14.22 -11.89
N PRO A 201 -1.76 -14.85 -12.41
CA PRO A 201 -1.98 -16.16 -13.06
C PRO A 201 -2.48 -17.24 -12.12
N TYR A 202 -2.07 -17.20 -10.85
CA TYR A 202 -2.52 -18.21 -9.89
C TYR A 202 -4.03 -18.19 -9.72
N VAL A 203 -4.62 -17.00 -9.65
CA VAL A 203 -6.06 -16.88 -9.44
C VAL A 203 -6.82 -17.36 -10.67
N ARG A 204 -6.38 -16.97 -11.86
CA ARG A 204 -7.06 -17.43 -13.07
C ARG A 204 -6.96 -18.94 -13.20
N ASN A 205 -5.81 -19.51 -12.84
CA ASN A 205 -5.65 -20.96 -12.88
C ASN A 205 -6.59 -21.66 -11.93
N ALA A 206 -6.80 -21.07 -10.74
CA ALA A 206 -7.72 -21.67 -9.78
C ALA A 206 -9.15 -21.68 -10.31
N LEU A 207 -9.59 -20.56 -10.90
CA LEU A 207 -10.93 -20.50 -11.45
C LEU A 207 -11.13 -21.54 -12.54
N ILE A 208 -10.15 -21.67 -13.44
CA ILE A 208 -10.23 -22.67 -14.50
C ILE A 208 -10.23 -24.07 -13.92
N HIS A 209 -9.42 -24.30 -12.89
CA HIS A 209 -9.35 -25.62 -12.27
C HIS A 209 -10.69 -26.01 -11.66
N ILE A 210 -11.33 -25.09 -10.95
CA ILE A 210 -12.62 -25.40 -10.32
C ILE A 210 -13.65 -25.73 -11.38
N LEU A 211 -13.71 -24.95 -12.46
CA LEU A 211 -14.74 -25.14 -13.47
C LEU A 211 -14.51 -26.43 -14.25
N GLU A 212 -13.26 -26.73 -14.59
CA GLU A 212 -12.93 -27.98 -15.27
C GLU A 212 -13.33 -29.17 -14.42
N LYS A 213 -13.04 -29.11 -13.12
CA LYS A 213 -13.24 -30.26 -12.24
C LYS A 213 -14.73 -30.54 -12.02
N HIS A 214 -15.54 -29.49 -11.93
CA HIS A 214 -16.94 -29.64 -11.54
C HIS A 214 -17.90 -29.32 -12.69
N LYS A 215 -17.42 -29.34 -13.93
CA LYS A 215 -18.25 -29.00 -15.08
C LYS A 215 -19.51 -29.88 -15.14
N ASP A 216 -19.39 -31.15 -14.76
CA ASP A 216 -20.53 -32.06 -14.86
C ASP A 216 -21.61 -31.74 -13.84
N SER A 217 -21.30 -30.97 -12.81
CA SER A 217 -22.26 -30.57 -11.80
C SER A 217 -22.85 -29.19 -12.06
N LEU A 218 -22.46 -28.53 -13.14
CA LEU A 218 -22.88 -27.15 -13.41
C LEU A 218 -23.49 -26.99 -14.80
N PRO A 219 -24.47 -27.84 -15.17
CA PRO A 219 -25.00 -27.75 -16.55
C PRO A 219 -25.71 -26.46 -16.84
N TYR A 220 -26.25 -25.77 -15.83
CA TYR A 220 -26.97 -24.52 -16.06
C TYR A 220 -26.08 -23.29 -15.96
N ILE A 221 -24.81 -23.46 -15.61
CA ILE A 221 -23.83 -22.38 -15.73
C ILE A 221 -23.39 -22.29 -17.19
N ASP A 222 -23.49 -21.09 -17.76
CA ASP A 222 -23.23 -20.88 -19.19
C ASP A 222 -22.01 -20.02 -19.45
N ILE A 223 -21.91 -18.86 -18.81
CA ILE A 223 -20.86 -17.88 -19.09
C ILE A 223 -20.18 -17.49 -17.79
N ILE A 224 -18.86 -17.49 -17.79
CA ILE A 224 -18.06 -16.94 -16.70
C ILE A 224 -17.21 -15.83 -17.28
N HIS A 225 -17.38 -14.62 -16.75
CA HIS A 225 -16.73 -13.41 -17.27
C HIS A 225 -15.74 -12.94 -16.21
N TYR A 226 -14.45 -13.19 -16.44
CA TYR A 226 -13.41 -12.92 -15.45
C TYR A 226 -12.63 -11.68 -15.86
N ASP A 227 -12.58 -10.70 -14.96
CA ASP A 227 -12.01 -9.38 -15.23
C ASP A 227 -11.07 -9.01 -14.09
N PRO A 228 -9.76 -9.27 -14.24
CA PRO A 228 -8.80 -8.88 -13.20
C PRO A 228 -8.23 -7.48 -13.41
N TYR A 229 -8.90 -6.67 -14.23
CA TYR A 229 -8.51 -5.31 -14.59
C TYR A 229 -7.23 -5.25 -15.42
N MET A 230 -6.09 -5.60 -14.83
CA MET A 230 -4.82 -5.67 -15.55
C MET A 230 -4.18 -7.03 -15.32
N GLY A 231 -3.13 -7.32 -16.08
CA GLY A 231 -2.24 -8.42 -15.75
C GLY A 231 -2.63 -9.80 -16.23
N ASP A 232 -3.43 -9.91 -17.28
CA ASP A 232 -3.74 -11.19 -17.89
C ASP A 232 -4.10 -10.95 -19.35
N GLU A 233 -4.05 -12.04 -20.13
CA GLU A 233 -4.25 -11.89 -21.58
C GLU A 233 -5.72 -12.11 -21.94
N PRO A 234 -6.25 -11.31 -22.85
CA PRO A 234 -7.61 -11.57 -23.37
C PRO A 234 -7.72 -12.99 -23.91
N ALA A 235 -8.84 -13.65 -23.61
CA ALA A 235 -9.02 -15.03 -23.99
C ALA A 235 -10.47 -15.45 -23.80
N GLU A 236 -10.92 -16.38 -24.66
CA GLU A 236 -12.04 -17.28 -24.39
C GLU A 236 -11.54 -18.70 -24.23
N LYS A 237 -12.07 -19.42 -23.25
CA LYS A 237 -11.72 -20.81 -23.10
C LYS A 237 -12.99 -21.62 -22.91
N LYS A 238 -13.14 -22.70 -23.69
CA LYS A 238 -14.28 -23.61 -23.51
C LYS A 238 -13.96 -24.62 -22.43
N ILE A 239 -14.77 -24.66 -21.39
CA ILE A 239 -14.60 -25.58 -20.27
C ILE A 239 -15.88 -26.42 -20.23
N GLY A 240 -15.84 -27.57 -20.90
CA GLY A 240 -17.06 -28.33 -21.09
C GLY A 240 -18.04 -27.52 -21.92
N HIS A 241 -19.27 -27.39 -21.41
CA HIS A 241 -20.31 -26.59 -22.05
C HIS A 241 -20.17 -25.10 -21.77
N MET A 242 -19.22 -24.69 -20.93
CA MET A 242 -19.16 -23.33 -20.41
C MET A 242 -18.18 -22.49 -21.21
N SER A 243 -18.46 -21.20 -21.28
CA SER A 243 -17.58 -20.22 -21.92
C SER A 243 -16.94 -19.37 -20.84
N PHE A 244 -15.61 -19.47 -20.71
CA PHE A 244 -14.84 -18.76 -19.70
C PHE A 244 -14.07 -17.65 -20.39
N ARG A 245 -14.44 -16.40 -20.13
CA ARG A 245 -13.83 -15.26 -20.80
C ARG A 245 -12.85 -14.60 -19.82
N VAL A 246 -11.63 -14.34 -20.30
CA VAL A 246 -10.68 -13.48 -19.60
C VAL A 246 -10.70 -12.13 -20.30
N SER A 247 -11.27 -11.12 -19.66
CA SER A 247 -11.43 -9.81 -20.27
C SER A 247 -11.04 -8.73 -19.26
N PRO A 248 -9.74 -8.46 -19.14
CA PRO A 248 -9.29 -7.42 -18.18
C PRO A 248 -9.63 -6.04 -18.71
N SER A 249 -10.45 -5.30 -17.95
CA SER A 249 -10.98 -4.02 -18.41
C SER A 249 -9.88 -3.02 -18.73
N GLY A 250 -8.74 -3.09 -18.04
CA GLY A 250 -7.63 -2.22 -18.39
C GLY A 250 -6.86 -2.63 -19.63
N VAL A 251 -7.20 -3.79 -20.20
CA VAL A 251 -6.51 -4.32 -21.37
C VAL A 251 -7.42 -4.36 -22.59
N VAL A 252 -8.70 -4.64 -22.39
CA VAL A 252 -9.68 -4.76 -23.47
C VAL A 252 -10.67 -3.61 -23.33
N ARG A 253 -10.65 -2.71 -24.30
CA ARG A 253 -11.57 -1.57 -24.30
C ARG A 253 -13.00 -2.05 -24.49
N GLY A 254 -13.92 -1.45 -23.76
CA GLY A 254 -15.32 -1.76 -23.92
C GLY A 254 -15.81 -2.99 -23.19
N THR A 255 -14.97 -3.58 -22.34
CA THR A 255 -15.39 -4.72 -21.52
C THR A 255 -16.67 -4.39 -20.75
N THR A 256 -17.62 -5.31 -20.76
CA THR A 256 -18.83 -5.14 -19.98
C THR A 256 -18.51 -5.13 -18.49
N GLY A 257 -19.24 -4.33 -17.73
CA GLY A 257 -18.97 -4.19 -16.32
C GLY A 257 -19.33 -5.42 -15.53
N GLN A 258 -18.79 -5.49 -14.30
CA GLN A 258 -19.08 -6.62 -13.42
C GLN A 258 -20.56 -6.71 -13.09
N LEU A 259 -21.24 -5.59 -12.98
CA LEU A 259 -22.68 -5.58 -12.70
C LEU A 259 -23.48 -5.34 -13.98
N ASP A 260 -23.18 -6.13 -15.00
CA ASP A 260 -23.84 -6.02 -16.29
C ASP A 260 -23.77 -7.36 -16.99
N TYR A 261 -24.72 -7.58 -17.87
CA TYR A 261 -24.81 -8.84 -18.61
C TYR A 261 -23.62 -8.98 -19.56
N PRO A 262 -22.78 -10.00 -19.41
CA PRO A 262 -21.70 -10.21 -20.38
C PRO A 262 -22.25 -10.60 -21.73
N LEU A 263 -21.40 -10.44 -22.76
CA LEU A 263 -21.82 -10.68 -24.14
C LEU A 263 -22.38 -12.09 -24.30
N GLY A 264 -23.57 -12.18 -24.89
CA GLY A 264 -24.26 -13.44 -25.05
C GLY A 264 -25.31 -13.74 -24.00
N SER A 265 -25.53 -12.85 -23.04
CA SER A 265 -26.56 -13.03 -22.02
C SER A 265 -27.47 -11.81 -21.98
N ASN A 266 -28.66 -12.01 -21.44
CA ASN A 266 -29.63 -10.93 -21.24
C ASN A 266 -30.65 -11.40 -20.21
N PRO A 267 -31.49 -10.49 -19.69
CA PRO A 267 -32.39 -10.89 -18.59
C PRO A 267 -33.35 -12.02 -18.95
N ASP A 268 -33.74 -12.17 -20.21
CA ASP A 268 -34.71 -13.21 -20.55
C ASP A 268 -34.08 -14.60 -20.58
N THR A 269 -32.79 -14.70 -20.88
CA THR A 269 -32.12 -16.00 -20.99
C THR A 269 -31.28 -16.35 -19.77
N HIS A 270 -30.79 -15.35 -19.03
CA HIS A 270 -29.81 -15.61 -17.98
C HIS A 270 -30.18 -14.88 -16.70
N ILE A 271 -29.87 -15.52 -15.57
CA ILE A 271 -29.71 -14.81 -14.30
C ILE A 271 -28.27 -14.30 -14.22
N LEU A 272 -28.11 -13.09 -13.72
CA LEU A 272 -26.82 -12.44 -13.64
C LEU A 272 -26.31 -12.50 -12.21
N VAL A 273 -25.17 -13.15 -12.01
CA VAL A 273 -24.55 -13.30 -10.70
C VAL A 273 -23.15 -12.70 -10.76
N SER A 274 -22.78 -11.92 -9.74
CA SER A 274 -21.43 -11.40 -9.64
C SER A 274 -20.80 -11.84 -8.34
N ILE A 275 -19.61 -12.45 -8.44
CA ILE A 275 -18.80 -12.78 -7.27
C ILE A 275 -18.17 -11.49 -6.75
N VAL A 276 -18.17 -11.33 -5.42
CA VAL A 276 -17.59 -10.16 -4.79
C VAL A 276 -16.39 -10.63 -3.97
N ALA A 277 -15.23 -10.00 -4.15
CA ALA A 277 -14.04 -10.32 -3.37
C ALA A 277 -14.24 -9.79 -1.95
N TRP A 278 -14.53 -10.70 -1.02
CA TRP A 278 -14.92 -10.38 0.34
C TRP A 278 -13.74 -10.63 1.29
N ASP A 279 -14.01 -10.70 2.59
CA ASP A 279 -12.94 -10.98 3.54
C ASP A 279 -13.51 -11.65 4.78
N HIS A 280 -12.58 -12.29 5.51
CA HIS A 280 -12.91 -13.14 6.66
C HIS A 280 -13.73 -12.41 7.72
N PHE A 281 -13.44 -11.13 7.92
CA PHE A 281 -13.82 -10.46 9.17
C PHE A 281 -14.95 -9.45 9.04
N SER A 282 -15.33 -9.05 7.83
CA SER A 282 -16.24 -7.95 7.65
C SER A 282 -17.64 -8.43 7.28
N TRP A 283 -18.61 -7.52 7.40
CA TRP A 283 -19.90 -7.72 6.77
C TRP A 283 -19.75 -7.56 5.26
N PRO A 284 -20.64 -8.15 4.47
CA PRO A 284 -20.57 -7.94 3.02
C PRO A 284 -20.70 -6.46 2.70
N GLY A 285 -19.75 -5.95 1.93
CA GLY A 285 -19.69 -4.53 1.61
C GLY A 285 -18.59 -3.78 2.31
N ASN A 286 -17.96 -4.38 3.33
CA ASN A 286 -16.83 -3.85 4.10
C ASN A 286 -16.69 -2.33 4.01
N ASP A 287 -15.82 -1.87 3.10
CA ASP A 287 -15.43 -0.45 3.06
C ASP A 287 -16.63 0.49 2.94
N TYR A 288 -17.69 0.09 2.22
CA TYR A 288 -18.79 1.03 2.03
C TYR A 288 -19.62 1.21 3.31
N TRP A 289 -19.51 0.30 4.29
CA TRP A 289 -20.12 0.59 5.59
C TRP A 289 -19.51 1.84 6.21
N GLY A 290 -18.28 2.18 5.84
CA GLY A 290 -17.66 3.41 6.26
C GLY A 290 -17.78 4.51 5.22
N GLY A 291 -18.68 4.32 4.25
CA GLY A 291 -18.94 5.34 3.24
C GLY A 291 -17.97 5.38 2.09
N ALA A 292 -16.98 4.49 2.04
CA ALA A 292 -15.99 4.50 0.98
C ALA A 292 -16.42 3.56 -0.15
N ARG A 293 -16.65 4.11 -1.34
CA ARG A 293 -16.93 3.31 -2.53
C ARG A 293 -15.60 2.90 -3.17
N GLN A 294 -14.91 1.99 -2.47
CA GLN A 294 -13.57 1.57 -2.83
C GLN A 294 -13.44 0.06 -2.65
N THR A 295 -12.54 -0.53 -3.44
CA THR A 295 -12.36 -1.98 -3.57
C THR A 295 -13.55 -2.64 -4.25
N ASP A 296 -13.34 -3.83 -4.81
CA ASP A 296 -14.43 -4.58 -5.40
C ASP A 296 -15.57 -4.77 -4.40
N ASP A 297 -15.23 -5.05 -3.15
CA ASP A 297 -16.24 -5.24 -2.10
C ASP A 297 -17.07 -3.97 -1.89
N GLY A 298 -16.39 -2.84 -1.65
CA GLY A 298 -17.11 -1.61 -1.38
C GLY A 298 -17.86 -1.08 -2.60
N VAL A 299 -17.27 -1.24 -3.79
CA VAL A 299 -17.89 -0.69 -4.99
C VAL A 299 -19.18 -1.44 -5.31
N LYS A 300 -19.15 -2.77 -5.25
CA LYS A 300 -20.34 -3.55 -5.60
C LYS A 300 -21.43 -3.37 -4.55
N ALA A 301 -21.06 -3.26 -3.28
CA ALA A 301 -22.06 -2.99 -2.25
C ALA A 301 -22.69 -1.62 -2.44
N ALA A 302 -21.87 -0.59 -2.74
CA ALA A 302 -22.42 0.74 -2.93
C ALA A 302 -23.28 0.82 -4.19
N SER A 303 -22.96 0.04 -5.21
CA SER A 303 -23.64 0.11 -6.49
C SER A 303 -24.88 -0.78 -6.55
N THR A 304 -25.22 -1.45 -5.45
CA THR A 304 -26.40 -2.28 -5.35
C THR A 304 -27.18 -1.86 -4.11
N ASP A 305 -28.32 -2.53 -3.88
CA ASP A 305 -29.02 -2.39 -2.61
C ASP A 305 -28.55 -3.41 -1.58
N THR A 306 -27.26 -3.77 -1.59
CA THR A 306 -26.72 -4.70 -0.59
C THR A 306 -27.05 -4.25 0.84
N MET A 307 -26.87 -2.97 1.12
CA MET A 307 -27.07 -2.46 2.48
C MET A 307 -28.53 -2.57 2.90
N GLY A 308 -29.44 -2.43 1.93
CA GLY A 308 -30.84 -2.64 2.22
C GLY A 308 -31.17 -4.08 2.51
N GLN A 309 -30.54 -5.01 1.78
CA GLN A 309 -30.76 -6.43 2.07
C GLN A 309 -30.25 -6.79 3.45
N VAL A 310 -29.12 -6.21 3.87
CA VAL A 310 -28.52 -6.60 5.12
C VAL A 310 -29.21 -5.93 6.31
N THR A 311 -29.57 -4.65 6.17
CA THR A 311 -30.15 -3.92 7.29
C THR A 311 -31.68 -3.95 7.30
N GLY A 312 -32.32 -4.26 6.19
CA GLY A 312 -33.75 -4.15 6.08
C GLY A 312 -34.26 -2.75 5.83
N ALA A 313 -33.38 -1.75 5.81
CA ALA A 313 -33.80 -0.39 5.53
C ALA A 313 -33.90 -0.16 4.03
N THR A 314 -34.74 0.80 3.65
CA THR A 314 -34.90 1.19 2.25
C THR A 314 -34.00 2.40 2.01
N GLY A 315 -32.90 2.18 1.29
CA GLY A 315 -32.03 3.24 0.90
C GLY A 315 -32.50 3.95 -0.36
N VAL A 316 -31.68 4.91 -0.79
CA VAL A 316 -31.96 5.74 -1.95
C VAL A 316 -30.69 5.89 -2.77
N TYR A 317 -30.78 5.61 -4.07
CA TYR A 317 -29.60 5.57 -4.92
C TYR A 317 -29.24 6.96 -5.41
N ASP A 318 -27.96 7.32 -5.29
CA ASP A 318 -27.44 8.61 -5.71
C ASP A 318 -26.70 8.43 -7.03
N LYS A 319 -27.31 8.93 -8.11
CA LYS A 319 -26.77 8.75 -9.45
C LYS A 319 -25.45 9.48 -9.64
N LYS A 320 -25.28 10.62 -8.98
CA LYS A 320 -24.07 11.41 -9.19
C LYS A 320 -22.83 10.69 -8.69
N TRP A 321 -22.92 10.06 -7.53
CA TRP A 321 -21.78 9.38 -6.94
C TRP A 321 -21.90 7.85 -7.01
N GLY A 322 -22.97 7.34 -7.60
CA GLY A 322 -23.10 5.90 -7.79
C GLY A 322 -23.21 5.14 -6.49
N ARG A 323 -23.92 5.68 -5.51
CA ARG A 323 -23.95 5.18 -4.15
C ARG A 323 -25.38 4.96 -3.70
N TYR A 324 -25.64 3.81 -3.10
CA TYR A 324 -26.89 3.53 -2.40
C TYR A 324 -26.76 4.11 -1.00
N MET A 325 -27.54 5.17 -0.71
CA MET A 325 -27.44 5.94 0.52
C MET A 325 -28.43 5.46 1.56
N PRO A 326 -28.17 5.74 2.85
CA PRO A 326 -29.15 5.41 3.89
C PRO A 326 -30.42 6.22 3.73
N PRO A 327 -31.51 5.85 4.42
CA PRO A 327 -32.76 6.60 4.29
C PRO A 327 -32.57 8.08 4.62
N GLU A 328 -33.36 8.92 3.95
CA GLU A 328 -33.26 10.35 4.16
C GLU A 328 -33.69 10.72 5.58
N SER A 329 -34.61 9.97 6.17
CA SER A 329 -34.99 10.22 7.56
C SER A 329 -33.84 9.99 8.52
N PHE A 330 -32.86 9.16 8.12
CA PHE A 330 -31.68 8.91 8.94
C PHE A 330 -30.58 9.95 8.69
N THR A 331 -30.32 10.29 7.42
CA THR A 331 -29.17 11.13 7.11
C THR A 331 -29.43 12.61 7.35
N LYS A 332 -30.70 13.05 7.30
CA LYS A 332 -31.02 14.42 7.64
C LYS A 332 -30.66 14.70 9.09
N ASP A 333 -29.97 15.81 9.33
CA ASP A 333 -29.50 16.24 10.64
C ASP A 333 -28.47 15.28 11.24
N ARG A 334 -27.75 14.53 10.40
CA ARG A 334 -26.71 13.61 10.87
C ARG A 334 -25.42 13.81 10.08
N LYS A 335 -25.17 15.01 9.57
CA LYS A 335 -24.04 15.26 8.69
C LYS A 335 -22.73 14.82 9.34
N GLY A 336 -21.96 13.99 8.63
N GLY A 336 -21.96 13.99 8.63
CA GLY A 336 -20.72 13.46 9.14
CA GLY A 336 -20.72 13.46 9.14
C GLY A 336 -20.84 12.16 9.92
C GLY A 336 -20.84 12.16 9.92
N MET A 337 -22.06 11.77 10.30
CA MET A 337 -22.29 10.52 11.02
C MET A 337 -23.48 9.79 10.41
N SER A 338 -23.57 9.81 9.08
CA SER A 338 -24.74 9.29 8.37
C SER A 338 -24.43 8.07 7.51
N ASP A 339 -23.23 7.51 7.57
CA ASP A 339 -22.98 6.40 6.67
C ASP A 339 -23.57 5.11 7.24
N TRP A 340 -23.55 4.05 6.41
CA TRP A 340 -24.34 2.85 6.71
C TRP A 340 -23.85 2.16 7.99
N GLY A 341 -22.56 2.26 8.30
CA GLY A 341 -22.07 1.70 9.55
C GLY A 341 -22.64 2.38 10.76
N ASP A 342 -22.93 3.68 10.66
CA ASP A 342 -23.59 4.39 11.75
C ASP A 342 -25.02 3.91 11.92
N TYR A 343 -25.70 3.60 10.81
CA TYR A 343 -27.07 3.10 10.89
C TYR A 343 -27.12 1.77 11.62
N VAL A 344 -26.14 0.90 11.37
CA VAL A 344 -26.07 -0.40 12.04
C VAL A 344 -25.82 -0.20 13.53
N ARG A 345 -24.90 0.70 13.88
CA ARG A 345 -24.57 0.92 15.29
C ARG A 345 -25.78 1.40 16.08
N GLU A 346 -26.42 2.47 15.61
CA GLU A 346 -27.53 3.05 16.36
C GLU A 346 -28.70 2.10 16.49
N ASN A 347 -28.85 1.17 15.55
CA ASN A 347 -29.98 0.24 15.56
C ASN A 347 -29.61 -1.13 16.10
N GLY A 348 -28.34 -1.37 16.40
CA GLY A 348 -27.94 -2.66 16.94
C GLY A 348 -28.20 -3.82 16.00
N ILE A 349 -28.09 -3.59 14.69
CA ILE A 349 -28.30 -4.66 13.72
C ILE A 349 -27.13 -5.63 13.79
N VAL A 350 -27.41 -6.92 13.61
CA VAL A 350 -26.36 -7.93 13.60
C VAL A 350 -26.40 -8.69 12.28
N PHE A 351 -25.25 -9.23 11.90
CA PHE A 351 -25.11 -10.04 10.71
C PHE A 351 -25.32 -11.50 11.10
N ASN A 352 -26.45 -12.06 10.71
CA ASN A 352 -26.85 -13.41 11.11
C ASN A 352 -28.00 -13.87 10.23
N GLY A 353 -27.80 -14.95 9.49
CA GLY A 353 -28.82 -15.44 8.60
C GLY A 353 -28.76 -16.95 8.42
N PRO A 354 -29.66 -17.48 7.61
CA PRO A 354 -29.65 -18.93 7.36
C PRO A 354 -28.33 -19.39 6.78
N VAL A 355 -27.95 -20.62 7.11
CA VAL A 355 -26.66 -21.18 6.70
C VAL A 355 -26.91 -22.58 6.17
N LEU A 356 -26.30 -22.91 5.04
CA LEU A 356 -26.34 -24.26 4.50
C LEU A 356 -24.92 -24.72 4.18
N ALA A 357 -24.76 -26.04 4.07
CA ALA A 357 -23.48 -26.66 3.76
C ALA A 357 -23.62 -27.54 2.53
N LEU A 358 -22.52 -27.65 1.78
CA LEU A 358 -22.47 -28.49 0.59
C LEU A 358 -21.96 -29.88 1.00
N ASP A 359 -22.83 -30.89 0.88
CA ASP A 359 -22.45 -32.23 1.32
C ASP A 359 -21.61 -32.94 0.24
N LYS A 360 -21.17 -34.16 0.56
CA LYS A 360 -20.29 -34.90 -0.33
C LYS A 360 -20.96 -35.22 -1.68
N SER A 361 -22.28 -35.13 -1.77
CA SER A 361 -22.99 -35.44 -2.99
C SER A 361 -23.36 -34.20 -3.80
N GLY A 362 -22.82 -33.03 -3.45
CA GLY A 362 -23.10 -31.83 -4.20
C GLY A 362 -24.48 -31.23 -3.99
N LYS A 363 -25.12 -31.54 -2.87
CA LYS A 363 -26.39 -30.93 -2.50
C LYS A 363 -26.17 -29.97 -1.33
N LEU A 364 -26.93 -28.87 -1.34
CA LEU A 364 -26.91 -27.94 -0.21
C LEU A 364 -27.97 -28.35 0.80
N ASP A 365 -27.57 -28.46 2.06
CA ASP A 365 -28.45 -28.97 3.11
C ASP A 365 -28.08 -28.30 4.42
N THR A 366 -28.94 -28.49 5.42
CA THR A 366 -28.66 -27.92 6.74
C THR A 366 -27.38 -28.53 7.30
N LEU A 367 -26.72 -27.76 8.18
CA LEU A 367 -25.49 -28.25 8.78
C LEU A 367 -25.74 -29.52 9.59
N GLU A 368 -26.90 -29.60 10.26
CA GLU A 368 -27.23 -30.79 11.03
C GLU A 368 -27.34 -32.01 10.13
N ASN A 369 -28.04 -31.86 8.99
CA ASN A 369 -28.22 -32.98 8.08
C ASN A 369 -26.88 -33.44 7.50
N VAL A 370 -26.06 -32.49 7.04
CA VAL A 370 -24.78 -32.87 6.45
C VAL A 370 -23.87 -33.50 7.49
N ALA A 371 -23.94 -33.03 8.74
CA ALA A 371 -23.14 -33.62 9.81
C ALA A 371 -23.60 -35.06 10.10
N SER A 372 -24.91 -35.31 10.07
CA SER A 372 -25.42 -36.67 10.29
C SER A 372 -24.79 -37.65 9.31
N ARG A 373 -24.67 -37.27 8.04
CA ARG A 373 -23.95 -38.07 7.06
C ARG A 373 -22.45 -37.84 7.19
N SER B 5 15.74 -0.92 -16.93
CA SER B 5 15.82 -0.96 -18.38
C SER B 5 15.83 0.46 -18.93
N ALA B 6 14.91 1.28 -18.41
CA ALA B 6 15.01 2.71 -18.51
C ALA B 6 15.91 3.31 -17.44
N TYR B 7 16.48 2.47 -16.57
CA TYR B 7 17.36 2.94 -15.51
C TYR B 7 18.51 1.96 -15.35
N GLN B 8 19.57 2.41 -14.67
CA GLN B 8 20.80 1.65 -14.55
CA GLN B 8 20.79 1.64 -14.54
C GLN B 8 21.29 1.70 -13.11
N LEU B 9 21.41 0.53 -12.49
CA LEU B 9 21.90 0.40 -11.12
C LEU B 9 23.41 0.28 -11.14
N LEU B 10 24.09 0.98 -10.23
CA LEU B 10 25.54 0.96 -10.14
C LEU B 10 26.00 0.74 -8.69
N LEU B 11 27.20 0.18 -8.54
CA LEU B 11 27.76 -0.06 -7.22
C LEU B 11 29.27 -0.18 -7.32
N SER B 12 29.94 0.02 -6.18
CA SER B 12 31.39 0.04 -6.12
C SER B 12 31.96 -1.37 -6.06
N LYS B 13 33.27 -1.45 -6.34
CA LYS B 13 34.00 -2.72 -6.20
C LYS B 13 33.88 -3.26 -4.78
N GLU B 14 34.07 -2.39 -3.78
CA GLU B 14 33.96 -2.80 -2.38
C GLU B 14 32.56 -3.33 -2.08
N THR B 15 31.53 -2.70 -2.65
CA THR B 15 30.16 -3.19 -2.46
C THR B 15 29.99 -4.58 -3.05
N LEU B 16 30.53 -4.80 -4.25
CA LEU B 16 30.49 -6.14 -4.84
C LEU B 16 31.13 -7.16 -3.91
N ASN B 17 32.23 -6.79 -3.25
CA ASN B 17 32.87 -7.71 -2.32
C ASN B 17 31.95 -8.05 -1.15
N LYS B 18 31.20 -7.06 -0.65
CA LYS B 18 30.22 -7.35 0.39
C LYS B 18 29.12 -8.26 -0.12
N ILE B 19 28.72 -8.09 -1.38
CA ILE B 19 27.65 -8.92 -1.93
C ILE B 19 28.12 -10.36 -2.07
N LEU B 20 29.32 -10.55 -2.63
CA LEU B 20 29.87 -11.90 -2.75
C LEU B 20 29.98 -12.57 -1.39
N GLN B 21 30.44 -11.83 -0.39
CA GLN B 21 30.55 -12.39 0.97
C GLN B 21 29.17 -12.77 1.50
N TYR B 22 28.17 -11.91 1.29
CA TYR B 22 26.83 -12.21 1.78
C TYR B 22 26.25 -13.43 1.07
N LYS B 23 26.41 -13.50 -0.26
CA LYS B 23 25.93 -14.65 -1.01
C LYS B 23 26.59 -15.93 -0.53
N GLN B 24 27.89 -15.90 -0.24
CA GLN B 24 28.58 -17.09 0.22
C GLN B 24 28.11 -17.49 1.63
N ASN B 25 27.87 -16.51 2.49
CA ASN B 25 27.37 -16.82 3.83
C ASN B 25 26.02 -17.51 3.76
N LEU B 26 25.15 -17.05 2.87
CA LEU B 26 23.82 -17.67 2.72
C LEU B 26 23.95 -19.10 2.19
N GLU B 27 24.79 -19.29 1.17
CA GLU B 27 24.99 -20.63 0.61
C GLU B 27 25.49 -21.61 1.66
N LYS B 28 26.29 -21.13 2.60
CA LYS B 28 26.81 -21.97 3.66
C LYS B 28 25.84 -22.14 4.83
N GLY B 29 24.78 -21.34 4.87
CA GLY B 29 23.84 -21.35 5.99
C GLY B 29 24.27 -20.50 7.17
N LEU B 30 25.31 -19.69 7.02
CA LEU B 30 25.85 -18.89 8.10
C LEU B 30 25.12 -17.58 8.30
N ALA B 31 24.26 -17.18 7.37
CA ALA B 31 23.43 -16.00 7.51
C ALA B 31 22.04 -16.32 6.98
N THR B 32 21.06 -15.53 7.42
CA THR B 32 19.71 -15.71 6.92
C THR B 32 19.11 -14.39 6.46
N PRO B 33 18.35 -14.41 5.36
CA PRO B 33 17.82 -13.16 4.81
C PRO B 33 16.87 -12.46 5.77
N GLY B 34 16.79 -11.15 5.64
CA GLY B 34 15.74 -10.39 6.31
C GLY B 34 14.38 -10.67 5.68
N LYS B 35 13.34 -10.17 6.34
CA LYS B 35 11.97 -10.50 5.96
C LYS B 35 11.69 -10.14 4.49
N PHE B 36 12.10 -8.95 4.07
CA PHE B 36 11.69 -8.51 2.74
C PHE B 36 12.49 -9.19 1.63
N PHE B 37 13.78 -9.42 1.86
CA PHE B 37 14.57 -10.20 0.90
C PHE B 37 14.08 -11.65 0.85
N LEU B 38 13.65 -12.18 2.01
CA LEU B 38 13.02 -13.51 2.04
C LEU B 38 11.84 -13.59 1.09
N GLU B 39 10.98 -12.57 1.10
CA GLU B 39 9.82 -12.57 0.23
C GLU B 39 10.22 -12.61 -1.24
N GLU B 40 11.23 -11.82 -1.63
CA GLU B 40 11.66 -11.81 -3.02
C GLU B 40 12.22 -13.17 -3.43
N LEU B 41 13.04 -13.79 -2.57
CA LEU B 41 13.56 -15.12 -2.88
C LEU B 41 12.43 -16.13 -3.03
N SER B 42 11.41 -16.04 -2.17
CA SER B 42 10.33 -17.01 -2.18
CA SER B 42 10.32 -17.00 -2.17
C SER B 42 9.48 -16.93 -3.44
N LYS B 43 9.51 -15.80 -4.16
CA LYS B 43 8.67 -15.62 -5.34
C LYS B 43 9.38 -16.01 -6.63
N GLN B 44 10.57 -16.61 -6.54
CA GLN B 44 11.26 -17.14 -7.71
C GLN B 44 11.81 -18.52 -7.33
N GLU B 45 12.46 -19.17 -8.29
CA GLU B 45 12.67 -20.61 -8.19
C GLU B 45 14.12 -21.02 -7.94
N LYS B 46 15.08 -20.12 -8.06
CA LYS B 46 16.48 -20.50 -7.95
C LYS B 46 16.93 -20.55 -6.49
N SER B 47 17.78 -21.52 -6.18
CA SER B 47 18.49 -21.49 -4.91
C SER B 47 19.59 -20.44 -5.00
N ILE B 48 20.14 -20.08 -3.83
CA ILE B 48 21.18 -19.05 -3.80
C ILE B 48 22.36 -19.48 -4.66
N SER B 49 22.77 -20.75 -4.55
CA SER B 49 23.94 -21.25 -5.26
C SER B 49 23.76 -21.20 -6.78
N GLU B 50 22.54 -21.43 -7.27
CA GLU B 50 22.36 -21.48 -8.71
C GLU B 50 22.07 -20.11 -9.33
N MET B 51 21.89 -19.06 -8.53
CA MET B 51 21.89 -17.72 -9.09
C MET B 51 23.31 -17.29 -9.40
N ASP B 52 23.45 -16.46 -10.43
CA ASP B 52 24.72 -15.74 -10.57
C ASP B 52 24.69 -14.51 -9.66
N ILE B 53 25.81 -13.81 -9.59
CA ILE B 53 25.94 -12.68 -8.67
C ILE B 53 25.01 -11.54 -9.08
N THR B 54 24.80 -11.34 -10.37
CA THR B 54 23.91 -10.27 -10.83
C THR B 54 22.47 -10.54 -10.41
N THR B 55 21.98 -11.76 -10.66
CA THR B 55 20.61 -12.10 -10.29
C THR B 55 20.41 -11.96 -8.78
N PHE B 56 21.36 -12.45 -7.99
CA PHE B 56 21.29 -12.32 -6.54
C PHE B 56 21.23 -10.85 -6.14
N THR B 57 22.09 -10.01 -6.72
CA THR B 57 22.08 -8.59 -6.41
C THR B 57 20.74 -7.95 -6.79
N GLN B 58 20.19 -8.34 -7.94
CA GLN B 58 18.94 -7.74 -8.38
C GLN B 58 17.79 -8.09 -7.46
N LEU B 59 17.79 -9.31 -6.91
CA LEU B 59 16.72 -9.72 -6.00
C LEU B 59 16.81 -8.97 -4.68
N LEU B 60 18.02 -8.74 -4.19
CA LEU B 60 18.19 -7.90 -3.00
C LEU B 60 17.69 -6.50 -3.26
N ILE B 61 18.13 -5.89 -4.37
CA ILE B 61 17.64 -4.56 -4.74
C ILE B 61 16.13 -4.56 -4.87
N GLN B 62 15.57 -5.66 -5.38
CA GLN B 62 14.12 -5.71 -5.60
C GLN B 62 13.32 -5.72 -4.29
N SER B 63 13.97 -6.02 -3.16
CA SER B 63 13.26 -6.01 -1.88
C SER B 63 12.94 -4.60 -1.40
N LYS B 64 13.48 -3.58 -2.07
CA LYS B 64 13.15 -2.19 -1.80
C LYS B 64 11.64 -1.99 -1.96
N LYS B 65 11.08 -1.10 -1.15
CA LYS B 65 9.67 -0.77 -1.27
C LYS B 65 9.52 0.63 -1.86
N PRO B 66 8.40 0.93 -2.53
CA PRO B 66 8.26 2.28 -3.11
C PRO B 66 8.52 3.40 -2.11
N GLN B 67 8.01 3.30 -0.88
CA GLN B 67 8.22 4.34 0.13
C GLN B 67 8.65 3.71 1.44
N VAL B 68 9.80 4.16 1.96
CA VAL B 68 10.32 3.76 3.27
C VAL B 68 11.08 4.95 3.85
N PHE B 69 10.89 5.20 5.14
CA PHE B 69 11.71 6.18 5.88
C PHE B 69 12.82 5.42 6.58
N ALA B 70 13.98 5.33 5.91
CA ALA B 70 15.08 4.55 6.46
C ALA B 70 15.58 5.07 7.80
N GLU B 71 15.31 6.34 8.12
CA GLU B 71 15.85 6.96 9.33
C GLU B 71 15.04 6.67 10.57
N SER B 72 13.81 6.17 10.42
CA SER B 72 12.91 5.96 11.55
C SER B 72 12.09 4.69 11.49
N GLN B 73 11.93 4.06 10.33
CA GLN B 73 10.94 3.01 10.12
C GLN B 73 11.50 1.60 10.25
N VAL B 74 12.81 1.43 10.29
CA VAL B 74 13.42 0.11 10.15
C VAL B 74 14.12 -0.27 11.44
N TYR B 75 14.37 -1.57 11.59
CA TYR B 75 14.92 -2.14 12.81
C TYR B 75 16.29 -2.79 12.62
N HIS B 76 16.80 -2.84 11.40
CA HIS B 76 18.15 -3.34 11.12
C HIS B 76 18.33 -4.78 11.59
N ASP B 77 17.27 -5.57 11.52
CA ASP B 77 17.34 -6.98 11.90
C ASP B 77 16.51 -7.79 10.91
N GLY B 78 16.17 -9.02 11.29
CA GLY B 78 15.47 -9.91 10.38
C GLY B 78 14.04 -9.51 10.09
N THR B 79 13.46 -8.60 10.88
CA THR B 79 12.06 -8.24 10.66
C THR B 79 11.86 -7.31 9.46
N ASP B 80 12.93 -6.73 8.92
CA ASP B 80 12.81 -5.96 7.68
C ASP B 80 14.03 -6.17 6.78
N TRP B 81 15.14 -5.49 7.08
CA TRP B 81 16.42 -5.73 6.43
C TRP B 81 17.49 -5.88 7.51
N THR B 82 18.39 -6.85 7.32
CA THR B 82 19.50 -7.00 8.27
C THR B 82 20.60 -5.99 7.99
N LEU B 83 21.52 -5.87 8.95
CA LEU B 83 22.64 -4.95 8.80
C LEU B 83 23.50 -5.32 7.59
N GLU B 84 23.68 -6.61 7.34
CA GLU B 84 24.44 -7.03 6.16
C GLU B 84 23.74 -6.58 4.88
N GLU B 85 22.41 -6.70 4.83
CA GLU B 85 21.67 -6.22 3.67
C GLU B 85 21.70 -4.70 3.60
N GLU B 86 21.51 -4.04 4.74
CA GLU B 86 21.53 -2.58 4.80
C GLU B 86 22.85 -2.01 4.31
N SER B 87 23.97 -2.61 4.71
CA SER B 87 25.27 -2.11 4.27
C SER B 87 25.40 -2.16 2.76
N ILE B 88 24.82 -3.18 2.11
CA ILE B 88 24.88 -3.27 0.66
C ILE B 88 23.94 -2.28 0.01
N LEU B 89 22.68 -2.22 0.47
CA LEU B 89 21.67 -1.42 -0.21
C LEU B 89 21.99 0.06 -0.15
N GLY B 90 22.58 0.53 0.96
CA GLY B 90 22.98 1.93 1.05
C GLY B 90 23.99 2.35 0.00
N ASP B 91 24.76 1.40 -0.54
CA ASP B 91 25.78 1.70 -1.53
C ASP B 91 25.24 1.72 -2.95
N VAL B 92 24.06 1.16 -3.19
CA VAL B 92 23.54 1.02 -4.55
C VAL B 92 22.98 2.36 -5.01
N SER B 93 23.38 2.79 -6.20
CA SER B 93 22.85 3.98 -6.84
C SER B 93 22.13 3.59 -8.13
N VAL B 94 21.29 4.50 -8.63
CA VAL B 94 20.58 4.26 -9.89
C VAL B 94 20.51 5.56 -10.67
N ASN B 95 20.83 5.50 -11.96
CA ASN B 95 20.70 6.64 -12.84
C ASN B 95 19.68 6.35 -13.94
N MET B 96 19.23 7.42 -14.58
CA MET B 96 18.20 7.32 -15.62
C MET B 96 18.10 8.64 -16.36
N PRO B 97 17.85 8.62 -17.68
CA PRO B 97 17.54 9.87 -18.37
C PRO B 97 16.15 10.33 -17.95
N VAL B 98 15.98 11.65 -17.88
CA VAL B 98 14.72 12.22 -17.44
C VAL B 98 14.39 13.45 -18.29
N THR B 99 13.10 13.75 -18.34
CA THR B 99 12.64 15.07 -18.71
C THR B 99 12.47 15.86 -17.41
N MET B 100 12.98 17.08 -17.39
CA MET B 100 12.91 17.98 -16.24
C MET B 100 11.88 19.06 -16.51
N TYR B 101 10.75 19.00 -15.80
CA TYR B 101 9.64 19.90 -16.09
C TYR B 101 9.71 21.21 -15.31
N ASN B 102 10.47 21.27 -14.22
CA ASN B 102 10.66 22.52 -13.51
C ASN B 102 12.04 22.50 -12.88
N ASP B 103 12.42 23.62 -12.27
CA ASP B 103 13.78 23.80 -11.77
C ASP B 103 14.04 23.03 -10.47
N GLY B 104 13.03 22.39 -9.89
CA GLY B 104 13.23 21.57 -8.72
C GLY B 104 12.99 22.28 -7.39
N GLY B 105 12.39 23.46 -7.39
CA GLY B 105 12.13 24.14 -6.14
C GLY B 105 11.02 23.47 -5.34
N HIS B 106 11.12 23.61 -4.01
CA HIS B 106 10.20 22.94 -3.10
C HIS B 106 8.94 23.77 -2.88
N GLY B 107 7.82 23.09 -2.66
CA GLY B 107 6.57 23.84 -2.48
C GLY B 107 6.14 24.44 -3.79
N SER B 108 5.79 25.73 -3.77
CA SER B 108 5.59 26.50 -4.98
C SER B 108 6.78 27.36 -5.31
N SER B 109 7.92 27.13 -4.63
CA SER B 109 9.19 27.71 -5.05
C SER B 109 9.46 27.42 -6.52
N PHE B 110 8.94 26.32 -7.03
CA PHE B 110 9.40 25.81 -8.31
C PHE B 110 9.03 26.74 -9.44
N LYS B 111 9.93 26.84 -10.41
CA LYS B 111 9.70 27.55 -11.65
C LYS B 111 9.68 26.55 -12.79
N ASN B 112 8.59 26.55 -13.57
CA ASN B 112 8.46 25.63 -14.67
C ASN B 112 9.43 25.98 -15.79
N HIS B 113 9.89 24.97 -16.50
CA HIS B 113 10.71 25.21 -17.68
C HIS B 113 9.79 25.48 -18.87
N PRO B 114 9.92 26.62 -19.56
CA PRO B 114 9.10 26.84 -20.76
C PRO B 114 9.21 25.69 -21.74
N LYS B 115 10.43 25.25 -22.04
CA LYS B 115 10.66 23.99 -22.73
C LYS B 115 11.30 23.01 -21.76
N PRO B 116 10.67 21.88 -21.48
CA PRO B 116 11.24 20.94 -20.50
C PRO B 116 12.65 20.48 -20.88
N ILE B 117 13.52 20.46 -19.88
CA ILE B 117 14.94 20.12 -20.07
C ILE B 117 15.11 18.62 -20.19
N SER B 118 16.06 18.21 -21.03
CA SER B 118 16.54 16.84 -21.06
C SER B 118 17.80 16.72 -20.22
N GLY B 119 17.83 15.75 -19.34
CA GLY B 119 18.97 15.53 -18.49
C GLY B 119 18.96 14.16 -17.88
N TYR B 120 19.63 14.02 -16.74
CA TYR B 120 19.74 12.73 -16.07
C TYR B 120 19.69 12.94 -14.56
N LEU B 121 19.19 11.91 -13.87
CA LEU B 121 19.22 11.85 -12.41
C LEU B 121 20.10 10.69 -11.98
N ALA B 122 20.77 10.88 -10.85
CA ALA B 122 21.57 9.82 -10.23
C ALA B 122 21.15 9.75 -8.76
N TYR B 123 20.32 8.78 -8.44
CA TYR B 123 19.86 8.57 -7.07
C TYR B 123 20.94 7.88 -6.26
N VAL B 124 21.39 8.52 -5.19
CA VAL B 124 22.46 8.00 -4.33
C VAL B 124 22.05 8.16 -2.88
N PRO B 125 22.05 7.09 -2.07
CA PRO B 125 21.67 7.25 -0.65
C PRO B 125 22.80 7.87 0.16
N GLY B 126 22.45 8.85 0.99
CA GLY B 126 23.41 9.45 1.89
C GLY B 126 23.77 8.53 3.05
N ALA B 127 24.69 9.00 3.89
CA ALA B 127 25.09 8.25 5.08
C ALA B 127 23.94 8.25 6.08
N LEU B 128 23.49 7.05 6.45
CA LEU B 128 22.35 6.89 7.35
C LEU B 128 22.85 7.00 8.78
N LEU B 129 22.74 8.21 9.35
CA LEU B 129 23.19 8.47 10.71
C LEU B 129 22.04 8.76 11.66
N ALA B 130 20.84 8.28 11.33
CA ALA B 130 19.69 8.36 12.21
C ALA B 130 19.01 6.99 12.26
N SER B 131 18.33 6.71 13.36
CA SER B 131 17.66 5.42 13.52
C SER B 131 16.59 5.54 14.61
N GLY B 132 15.45 4.90 14.38
CA GLY B 132 14.42 4.76 15.39
C GLY B 132 14.60 3.57 16.30
N SER B 133 15.71 2.85 16.15
CA SER B 133 16.02 1.68 16.98
C SER B 133 17.52 1.65 17.24
N GLY B 134 18.17 0.52 16.94
CA GLY B 134 19.59 0.39 17.17
C GLY B 134 20.41 1.13 16.14
N PRO B 135 21.73 1.00 16.26
CA PRO B 135 22.63 1.71 15.34
C PRO B 135 22.54 1.16 13.93
N THR B 136 22.71 2.06 12.96
CA THR B 136 22.68 1.64 11.56
C THR B 136 24.05 1.11 11.14
N SER B 137 24.10 0.52 9.95
CA SER B 137 25.38 0.06 9.43
C SER B 137 26.31 1.24 9.18
N ASP B 138 25.77 2.37 8.72
CA ASP B 138 26.61 3.52 8.42
C ASP B 138 27.16 4.17 9.69
N MET B 139 26.39 4.16 10.78
CA MET B 139 26.91 4.65 12.06
C MET B 139 28.09 3.81 12.51
N LYS B 140 27.95 2.49 12.46
CA LYS B 140 29.06 1.61 12.81
C LYS B 140 30.28 1.88 11.95
N GLU B 141 30.07 2.35 10.71
CA GLU B 141 31.18 2.52 9.78
C GLU B 141 31.93 3.84 9.97
N VAL B 142 31.22 4.95 10.17
CA VAL B 142 31.84 6.27 10.10
C VAL B 142 31.90 6.98 11.44
N LEU B 143 31.35 6.39 12.50
CA LEU B 143 31.35 7.01 13.82
C LEU B 143 32.36 6.31 14.71
N ASP B 144 33.39 7.05 15.14
CA ASP B 144 34.34 6.57 16.13
C ASP B 144 33.83 7.00 17.50
N ASN B 145 33.17 6.08 18.20
CA ASN B 145 32.63 6.33 19.55
C ASN B 145 31.72 7.56 19.56
N GLY B 146 30.84 7.65 18.56
CA GLY B 146 29.92 8.76 18.47
C GLY B 146 30.45 10.00 17.80
N LYS B 147 31.71 10.00 17.37
CA LYS B 147 32.32 11.16 16.72
C LYS B 147 32.46 10.90 15.22
N LEU B 148 32.05 11.88 14.43
CA LEU B 148 32.19 11.78 12.98
C LEU B 148 33.66 11.66 12.58
N ASN B 149 33.98 10.69 11.74
CA ASN B 149 35.32 10.51 11.19
C ASN B 149 35.29 10.96 9.74
N GLN B 150 36.03 12.04 9.44
CA GLN B 150 36.00 12.62 8.10
C GLN B 150 36.54 11.64 7.06
N ASP B 151 37.68 11.00 7.36
CA ASP B 151 38.26 10.05 6.42
C ASP B 151 37.30 8.90 6.12
N LYS B 152 36.63 8.40 7.16
CA LYS B 152 35.71 7.28 6.96
C LYS B 152 34.46 7.72 6.19
N LEU B 153 33.95 8.91 6.47
CA LEU B 153 32.85 9.44 5.68
C LEU B 153 33.27 9.66 4.23
N ASN B 154 34.50 10.14 4.02
CA ASN B 154 35.03 10.30 2.67
C ASN B 154 34.97 8.99 1.90
N ALA B 155 35.41 7.90 2.53
CA ALA B 155 35.43 6.61 1.86
C ALA B 155 34.03 6.11 1.56
N LEU B 156 33.06 6.44 2.43
CA LEU B 156 31.68 6.04 2.19
C LEU B 156 31.13 6.73 0.94
N TYR B 157 31.26 8.05 0.88
CA TYR B 157 30.73 8.78 -0.26
C TYR B 157 31.52 8.51 -1.53
N GLU B 158 32.81 8.18 -1.40
CA GLU B 158 33.58 7.75 -2.56
C GLU B 158 33.02 6.46 -3.13
N ARG B 159 32.70 5.48 -2.26
CA ARG B 159 32.08 4.24 -2.70
C ARG B 159 30.81 4.49 -3.49
N ARG B 160 29.97 5.41 -3.01
CA ARG B 160 28.61 5.55 -3.52
C ARG B 160 28.51 6.48 -4.73
N LEU B 161 29.37 7.50 -4.81
CA LEU B 161 29.28 8.50 -5.86
C LEU B 161 30.20 8.22 -7.05
N LEU B 162 31.39 7.67 -6.81
CA LEU B 162 32.36 7.51 -7.90
C LEU B 162 31.82 6.68 -9.07
N PRO B 163 31.08 5.58 -8.87
CA PRO B 163 30.52 4.88 -10.04
C PRO B 163 29.64 5.77 -10.90
N GLN B 164 28.87 6.68 -10.29
CA GLN B 164 28.03 7.59 -11.07
C GLN B 164 28.87 8.65 -11.78
N LEU B 165 29.90 9.17 -11.12
CA LEU B 165 30.77 10.15 -11.78
C LEU B 165 31.48 9.53 -12.98
N ILE B 166 31.98 8.30 -12.82
CA ILE B 166 32.60 7.60 -13.94
C ILE B 166 31.61 7.42 -15.08
N HIS B 167 30.38 7.00 -14.74
CA HIS B 167 29.34 6.80 -15.74
C HIS B 167 29.11 8.06 -16.57
N PHE B 168 28.90 9.20 -15.89
CA PHE B 168 28.51 10.39 -16.62
C PHE B 168 29.69 11.10 -17.27
N ASN B 169 30.91 10.89 -16.75
CA ASN B 169 32.11 11.30 -17.48
C ASN B 169 32.14 10.63 -18.85
N GLU B 170 31.85 9.33 -18.89
CA GLU B 170 31.86 8.59 -20.15
C GLU B 170 30.69 9.00 -21.03
N LEU B 171 29.51 9.16 -20.44
CA LEU B 171 28.33 9.59 -21.20
C LEU B 171 28.57 10.95 -21.85
N ALA B 172 29.19 11.88 -21.10
CA ALA B 172 29.47 13.19 -21.67
C ALA B 172 30.41 13.08 -22.86
N ARG B 173 31.45 12.24 -22.75
CA ARG B 173 32.35 12.02 -23.87
C ARG B 173 31.61 11.47 -25.07
N GLN B 174 30.76 10.46 -24.84
CA GLN B 174 29.99 9.86 -25.93
C GLN B 174 29.12 10.89 -26.64
N ASN B 175 28.57 11.85 -25.90
CA ASN B 175 27.75 12.89 -26.48
C ASN B 175 28.56 14.09 -26.95
N GLU B 176 29.90 14.01 -26.89
CA GLU B 176 30.77 15.10 -27.29
C GLU B 176 30.42 16.39 -26.54
N LYS B 177 30.21 16.25 -25.23
CA LYS B 177 29.87 17.38 -24.37
C LYS B 177 30.66 17.24 -23.08
N GLN B 178 30.45 18.19 -22.18
CA GLN B 178 30.94 18.11 -20.82
C GLN B 178 29.76 17.88 -19.87
N ALA B 179 30.06 17.60 -18.62
CA ALA B 179 29.03 17.33 -17.63
C ALA B 179 28.91 18.50 -16.67
N ALA B 180 27.68 18.95 -16.44
CA ALA B 180 27.34 19.84 -15.34
C ALA B 180 26.52 19.03 -14.35
N ILE B 181 26.97 18.95 -13.11
CA ILE B 181 26.33 18.10 -12.10
C ILE B 181 25.92 18.97 -10.93
N THR B 182 24.64 18.92 -10.57
CA THR B 182 24.14 19.59 -9.38
C THR B 182 23.99 18.58 -8.26
N ILE B 183 24.37 18.98 -7.06
CA ILE B 183 24.38 18.10 -5.90
C ILE B 183 23.69 18.79 -4.73
N PRO B 184 22.77 18.12 -4.03
CA PRO B 184 22.15 18.74 -2.86
C PRO B 184 22.93 18.44 -1.59
N GLY B 185 22.42 18.87 -0.44
CA GLY B 185 23.05 18.55 0.83
C GLY B 185 22.76 17.12 1.24
N ILE B 186 23.26 16.17 0.43
CA ILE B 186 22.96 14.77 0.64
C ILE B 186 23.37 14.35 2.05
N GLY B 187 22.49 13.64 2.73
CA GLY B 187 22.78 13.15 4.07
C GLY B 187 22.75 14.18 5.17
N THR B 188 22.52 15.46 4.86
CA THR B 188 22.52 16.50 5.87
C THR B 188 21.13 16.82 6.41
N GLY B 189 20.08 16.21 5.85
CA GLY B 189 18.74 16.42 6.36
C GLY B 189 18.31 15.39 7.39
N CYS B 190 17.25 14.66 7.09
CA CYS B 190 16.75 13.65 8.02
C CYS B 190 17.79 12.59 8.34
N PHE B 191 18.63 12.24 7.37
CA PHE B 191 19.62 11.18 7.56
C PHE B 191 20.71 11.56 8.56
N SER B 192 20.90 12.84 8.84
CA SER B 192 21.99 13.25 9.72
C SER B 192 21.69 12.98 11.19
N GLY B 193 20.42 12.81 11.55
CA GLY B 193 20.07 12.50 12.93
C GLY B 193 20.61 13.53 13.88
N ALA B 194 21.27 13.06 14.95
CA ALA B 194 21.82 13.95 15.96
C ALA B 194 23.00 14.76 15.45
N TYR B 195 23.58 14.38 14.32
CA TYR B 195 24.73 15.08 13.77
C TYR B 195 24.33 16.23 12.86
N TYR B 196 23.08 16.68 12.95
CA TYR B 196 22.57 17.69 12.03
C TYR B 196 23.43 18.95 12.05
N ASP B 197 23.87 19.36 13.23
CA ASP B 197 24.55 20.65 13.37
C ASP B 197 26.03 20.59 13.02
N VAL B 198 26.58 19.43 12.64
CA VAL B 198 28.00 19.35 12.34
C VAL B 198 28.27 18.72 10.99
N ILE B 199 27.23 18.19 10.34
CA ILE B 199 27.45 17.31 9.19
C ILE B 199 27.78 18.08 7.92
N LYS B 200 27.25 19.29 7.74
CA LYS B 200 27.36 19.96 6.45
C LYS B 200 28.80 20.17 5.99
N PRO B 201 29.73 20.72 6.78
CA PRO B 201 31.12 20.81 6.30
C PRO B 201 31.75 19.46 6.01
N TYR B 202 31.32 18.40 6.71
CA TYR B 202 31.86 17.07 6.44
C TYR B 202 31.50 16.58 5.05
N VAL B 203 30.24 16.78 4.65
CA VAL B 203 29.81 16.35 3.31
C VAL B 203 30.51 17.16 2.24
N ARG B 204 30.56 18.49 2.44
CA ARG B 204 31.33 19.34 1.52
C ARG B 204 32.75 18.83 1.37
N ASN B 205 33.42 18.53 2.49
CA ASN B 205 34.78 18.02 2.43
C ASN B 205 34.84 16.69 1.68
N ALA B 206 33.82 15.85 1.85
CA ALA B 206 33.79 14.57 1.13
C ALA B 206 33.71 14.79 -0.37
N LEU B 207 32.83 15.68 -0.81
CA LEU B 207 32.71 15.97 -2.24
C LEU B 207 34.03 16.50 -2.80
N ILE B 208 34.64 17.45 -2.09
CA ILE B 208 35.92 18.01 -2.54
C ILE B 208 36.98 16.92 -2.60
N HIS B 209 37.04 16.06 -1.58
CA HIS B 209 38.06 15.02 -1.54
C HIS B 209 37.89 14.02 -2.69
N ILE B 210 36.64 13.66 -3.00
CA ILE B 210 36.40 12.71 -4.06
C ILE B 210 36.85 13.28 -5.40
N LEU B 211 36.43 14.51 -5.70
CA LEU B 211 36.79 15.13 -6.97
C LEU B 211 38.30 15.37 -7.07
N GLU B 212 38.93 15.75 -5.96
CA GLU B 212 40.37 15.96 -5.96
C GLU B 212 41.12 14.65 -6.19
N LYS B 213 40.67 13.58 -5.53
CA LYS B 213 41.34 12.29 -5.65
C LYS B 213 41.25 11.74 -7.07
N HIS B 214 40.06 11.82 -7.69
CA HIS B 214 39.82 11.18 -8.97
C HIS B 214 39.72 12.18 -10.12
N LYS B 215 40.31 13.36 -9.98
CA LYS B 215 40.19 14.37 -11.03
C LYS B 215 40.79 13.88 -12.35
N ASP B 216 41.82 13.03 -12.30
CA ASP B 216 42.41 12.51 -13.53
C ASP B 216 41.47 11.56 -14.26
N SER B 217 40.51 10.96 -13.56
CA SER B 217 39.56 10.04 -14.19
C SER B 217 38.29 10.74 -14.67
N LEU B 218 38.19 12.06 -14.53
CA LEU B 218 36.95 12.78 -14.84
C LEU B 218 37.19 13.96 -15.79
N PRO B 219 37.88 13.72 -16.93
CA PRO B 219 38.21 14.86 -17.80
C PRO B 219 37.00 15.51 -18.44
N TYR B 220 35.87 14.82 -18.54
CA TYR B 220 34.69 15.39 -19.17
C TYR B 220 33.72 16.00 -18.18
N ILE B 221 33.99 15.90 -16.88
CA ILE B 221 33.23 16.61 -15.87
C ILE B 221 33.73 18.04 -15.80
N ASP B 222 32.82 19.00 -15.96
CA ASP B 222 33.19 20.41 -16.02
C ASP B 222 32.77 21.20 -14.79
N ILE B 223 31.51 21.13 -14.39
CA ILE B 223 30.96 21.98 -13.35
C ILE B 223 30.28 21.10 -12.30
N ILE B 224 30.61 21.33 -11.03
CA ILE B 224 29.93 20.72 -9.89
C ILE B 224 29.23 21.83 -9.13
N HIS B 225 27.90 21.81 -9.11
CA HIS B 225 27.11 22.85 -8.49
C HIS B 225 26.50 22.27 -7.21
N TYR B 226 27.11 22.58 -6.07
CA TYR B 226 26.74 22.00 -4.78
C TYR B 226 25.89 23.00 -4.00
N ASP B 227 24.68 22.59 -3.64
CA ASP B 227 23.69 23.46 -3.01
C ASP B 227 23.19 22.81 -1.72
N PRO B 228 23.90 23.00 -0.61
CA PRO B 228 23.41 22.47 0.68
C PRO B 228 22.29 23.30 1.30
N TYR B 229 21.81 24.32 0.58
CA TYR B 229 20.72 25.22 0.98
C TYR B 229 21.11 26.16 2.11
N MET B 230 21.48 25.63 3.28
CA MET B 230 21.92 26.44 4.40
C MET B 230 23.22 25.89 4.94
N GLY B 231 23.85 26.65 5.84
CA GLY B 231 24.94 26.13 6.63
C GLY B 231 26.27 26.00 5.93
N ASP B 232 26.48 26.73 4.84
CA ASP B 232 27.78 26.73 4.17
C ASP B 232 27.97 28.10 3.51
N GLU B 233 29.22 28.43 3.28
CA GLU B 233 29.49 29.74 2.69
C GLU B 233 29.64 29.62 1.17
N PRO B 234 29.26 30.66 0.43
CA PRO B 234 29.46 30.65 -1.02
C PRO B 234 30.94 30.59 -1.37
N ALA B 235 31.27 29.80 -2.38
CA ALA B 235 32.65 29.65 -2.79
C ALA B 235 32.70 28.98 -4.15
N GLU B 236 33.82 29.18 -4.85
CA GLU B 236 34.25 28.30 -5.92
C GLU B 236 35.62 27.74 -5.56
N LYS B 237 35.82 26.46 -5.85
CA LYS B 237 37.15 25.86 -5.91
C LYS B 237 37.41 25.37 -7.32
N LYS B 238 38.63 25.61 -7.80
CA LYS B 238 39.15 24.91 -8.96
C LYS B 238 39.76 23.60 -8.48
N ILE B 239 39.15 22.49 -8.90
CA ILE B 239 39.66 21.15 -8.57
C ILE B 239 40.13 20.54 -9.87
N GLY B 240 41.44 20.59 -10.10
CA GLY B 240 41.95 20.19 -11.40
C GLY B 240 41.37 21.10 -12.48
N HIS B 241 40.75 20.47 -13.48
CA HIS B 241 40.06 21.19 -14.54
C HIS B 241 38.65 21.61 -14.15
N MET B 242 38.15 21.15 -13.00
CA MET B 242 36.75 21.29 -12.65
C MET B 242 36.51 22.55 -11.83
N SER B 243 35.29 23.08 -11.93
CA SER B 243 34.85 24.22 -11.14
C SER B 243 33.82 23.72 -10.13
N PHE B 244 34.21 23.67 -8.86
CA PHE B 244 33.35 23.23 -7.78
C PHE B 244 32.74 24.45 -7.10
N ARG B 245 31.42 24.60 -7.19
CA ARG B 245 30.73 25.74 -6.59
C ARG B 245 29.96 25.29 -5.36
N VAL B 246 30.12 26.02 -4.27
CA VAL B 246 29.23 25.93 -3.11
C VAL B 246 28.28 27.12 -3.21
N SER B 247 27.03 26.86 -3.55
CA SER B 247 26.02 27.90 -3.73
C SER B 247 24.78 27.53 -2.94
N PRO B 248 24.78 27.76 -1.63
CA PRO B 248 23.60 27.46 -0.81
C PRO B 248 22.50 28.47 -1.11
N SER B 249 21.38 27.97 -1.66
CA SER B 249 20.35 28.85 -2.20
C SER B 249 19.60 29.61 -1.11
N GLY B 250 19.62 29.13 0.14
CA GLY B 250 19.11 29.94 1.23
C GLY B 250 20.04 31.04 1.69
N VAL B 251 21.31 30.96 1.29
CA VAL B 251 22.30 31.95 1.67
C VAL B 251 22.67 32.87 0.51
N VAL B 252 22.62 32.38 -0.72
CA VAL B 252 23.02 33.13 -1.91
C VAL B 252 21.79 33.31 -2.78
N ARG B 253 21.29 34.53 -2.87
CA ARG B 253 20.12 34.81 -3.69
C ARG B 253 20.40 34.57 -5.16
N GLY B 254 19.38 34.11 -5.87
CA GLY B 254 19.47 33.88 -7.31
C GLY B 254 20.12 32.57 -7.72
N THR B 255 20.46 31.71 -6.77
CA THR B 255 21.10 30.44 -7.08
C THR B 255 20.26 29.62 -8.06
N THR B 256 20.90 29.10 -9.10
CA THR B 256 20.20 28.24 -10.05
C THR B 256 19.77 26.94 -9.38
N GLY B 257 18.60 26.45 -9.78
CA GLY B 257 18.02 25.27 -9.16
C GLY B 257 18.75 23.99 -9.52
N GLN B 258 18.45 22.95 -8.73
CA GLN B 258 19.06 21.64 -8.95
C GLN B 258 18.73 21.08 -10.33
N LEU B 259 17.53 21.35 -10.83
CA LEU B 259 17.10 20.84 -12.14
C LEU B 259 17.19 21.93 -13.20
N ASP B 260 18.36 22.57 -13.29
CA ASP B 260 18.58 23.65 -14.24
C ASP B 260 20.08 23.74 -14.49
N TYR B 261 20.43 24.35 -15.61
CA TYR B 261 21.83 24.47 -15.99
C TYR B 261 22.54 25.47 -15.09
N PRO B 262 23.59 25.09 -14.37
CA PRO B 262 24.36 26.07 -13.60
C PRO B 262 25.08 27.04 -14.53
N LEU B 263 25.49 28.16 -13.96
CA LEU B 263 26.13 29.22 -14.73
C LEU B 263 27.37 28.71 -15.44
N GLY B 264 27.45 28.94 -16.75
CA GLY B 264 28.53 28.44 -17.57
C GLY B 264 28.21 27.18 -18.34
N SER B 265 27.01 26.63 -18.20
CA SER B 265 26.58 25.46 -18.93
C SER B 265 25.28 25.76 -19.66
N ASN B 266 25.01 24.97 -20.70
CA ASN B 266 23.78 25.09 -21.47
C ASN B 266 23.60 23.79 -22.26
N PRO B 267 22.42 23.58 -22.88
CA PRO B 267 22.17 22.28 -23.51
C PRO B 267 23.11 21.93 -24.65
N ASP B 268 23.68 22.93 -25.35
CA ASP B 268 24.54 22.59 -26.49
C ASP B 268 25.93 22.13 -26.06
N THR B 269 26.41 22.60 -24.90
CA THR B 269 27.76 22.28 -24.46
C THR B 269 27.83 21.25 -23.34
N HIS B 270 26.75 21.06 -22.57
CA HIS B 270 26.79 20.18 -21.42
C HIS B 270 25.60 19.24 -21.39
N ILE B 271 25.81 18.05 -20.82
CA ILE B 271 24.72 17.24 -20.31
C ILE B 271 24.49 17.66 -18.85
N LEU B 272 23.25 17.64 -18.42
CA LEU B 272 22.87 18.08 -17.08
C LEU B 272 22.51 16.86 -16.25
N VAL B 273 23.20 16.67 -15.13
CA VAL B 273 22.98 15.56 -14.21
C VAL B 273 22.73 16.14 -12.82
N SER B 274 21.70 15.65 -12.14
CA SER B 274 21.44 16.01 -10.76
C SER B 274 21.53 14.77 -9.87
N ILE B 275 22.36 14.86 -8.83
CA ILE B 275 22.37 13.83 -7.80
C ILE B 275 21.13 13.98 -6.94
N VAL B 276 20.51 12.86 -6.58
CA VAL B 276 19.31 12.84 -5.74
C VAL B 276 19.65 12.12 -4.44
N ALA B 277 19.32 12.75 -3.31
CA ALA B 277 19.54 12.16 -1.99
C ALA B 277 18.52 11.03 -1.80
N TRP B 278 18.97 9.80 -2.00
CA TRP B 278 18.09 8.64 -2.08
C TRP B 278 17.96 7.97 -0.70
N ASP B 279 17.48 6.73 -0.68
CA ASP B 279 17.14 6.02 0.54
C ASP B 279 17.48 4.54 0.35
N HIS B 280 18.20 3.98 1.33
CA HIS B 280 18.62 2.58 1.32
C HIS B 280 17.54 1.63 0.84
N PHE B 281 16.31 1.81 1.32
CA PHE B 281 15.27 0.79 1.22
C PHE B 281 14.13 1.14 0.29
N SER B 282 14.15 2.31 -0.34
CA SER B 282 13.01 2.74 -1.14
C SER B 282 13.36 2.74 -2.63
N TRP B 283 12.30 2.79 -3.46
CA TRP B 283 12.46 3.04 -4.88
C TRP B 283 12.86 4.50 -5.10
N PRO B 284 13.39 4.82 -6.29
CA PRO B 284 13.71 6.23 -6.57
C PRO B 284 12.46 7.08 -6.50
N GLY B 285 12.56 8.20 -5.78
CA GLY B 285 11.44 9.07 -5.56
C GLY B 285 10.77 8.90 -4.21
N ASN B 286 11.02 7.78 -3.54
CA ASN B 286 10.55 7.48 -2.19
C ASN B 286 9.13 8.00 -1.91
N ASP B 287 8.99 9.07 -1.14
CA ASP B 287 7.65 9.41 -0.66
C ASP B 287 6.77 10.06 -1.73
N TYR B 288 7.27 10.36 -2.93
CA TYR B 288 6.35 10.77 -3.98
C TYR B 288 5.57 9.60 -4.55
N TRP B 289 6.02 8.36 -4.32
CA TRP B 289 5.18 7.22 -4.65
C TRP B 289 3.87 7.26 -3.87
N GLY B 290 3.87 7.91 -2.71
CA GLY B 290 2.67 8.18 -1.95
C GLY B 290 2.04 9.53 -2.22
N GLY B 291 2.60 10.32 -3.14
CA GLY B 291 2.07 11.62 -3.47
C GLY B 291 2.66 12.79 -2.73
N ALA B 292 3.60 12.55 -1.82
CA ALA B 292 4.24 13.65 -1.10
C ALA B 292 5.41 14.22 -1.92
N ARG B 293 5.53 15.54 -1.91
CA ARG B 293 6.57 16.26 -2.64
C ARG B 293 7.33 17.13 -1.64
N GLN B 294 8.10 16.49 -0.78
CA GLN B 294 8.65 17.17 0.38
C GLN B 294 10.16 17.13 0.48
N THR B 295 10.78 16.01 0.16
CA THR B 295 12.23 15.86 0.28
C THR B 295 12.89 16.01 -1.09
N ASP B 296 14.22 16.11 -1.09
CA ASP B 296 14.96 16.15 -2.34
C ASP B 296 14.59 14.98 -3.23
N ASP B 297 14.50 13.79 -2.64
CA ASP B 297 14.06 12.60 -3.35
C ASP B 297 12.68 12.81 -3.98
N GLY B 298 11.69 13.21 -3.17
CA GLY B 298 10.34 13.30 -3.67
C GLY B 298 10.10 14.47 -4.61
N VAL B 299 10.77 15.59 -4.36
CA VAL B 299 10.60 16.76 -5.22
C VAL B 299 11.16 16.49 -6.62
N LYS B 300 12.36 15.93 -6.68
CA LYS B 300 12.99 15.69 -7.98
C LYS B 300 12.26 14.61 -8.76
N ALA B 301 11.72 13.60 -8.08
CA ALA B 301 10.92 12.61 -8.78
C ALA B 301 9.60 13.20 -9.28
N ALA B 302 8.98 14.06 -8.48
CA ALA B 302 7.74 14.72 -8.91
C ALA B 302 7.98 15.70 -10.04
N SER B 303 9.16 16.31 -10.09
CA SER B 303 9.47 17.34 -11.09
C SER B 303 10.05 16.76 -12.37
N THR B 304 10.19 15.45 -12.47
CA THR B 304 10.71 14.77 -13.64
C THR B 304 9.74 13.66 -14.03
N ASP B 305 10.05 12.97 -15.13
CA ASP B 305 9.31 11.75 -15.47
C ASP B 305 9.92 10.50 -14.81
N THR B 306 10.50 10.63 -13.62
CA THR B 306 11.09 9.50 -12.91
C THR B 306 10.13 8.31 -12.83
N MET B 307 8.88 8.57 -12.48
CA MET B 307 7.91 7.50 -12.31
C MET B 307 7.60 6.80 -13.63
N GLY B 308 7.63 7.54 -14.74
CA GLY B 308 7.48 6.90 -16.04
C GLY B 308 8.65 6.02 -16.40
N GLN B 309 9.87 6.46 -16.07
CA GLN B 309 11.05 5.62 -16.29
C GLN B 309 10.97 4.34 -15.48
N VAL B 310 10.44 4.42 -14.25
CA VAL B 310 10.43 3.25 -13.38
C VAL B 310 9.28 2.30 -13.74
N THR B 311 8.09 2.85 -14.00
CA THR B 311 6.92 2.01 -14.28
C THR B 311 6.76 1.68 -15.76
N GLY B 312 7.33 2.46 -16.65
CA GLY B 312 7.04 2.34 -18.07
C GLY B 312 5.78 3.05 -18.52
N ALA B 313 5.01 3.62 -17.60
CA ALA B 313 3.80 4.34 -17.96
C ALA B 313 4.14 5.75 -18.43
N THR B 314 3.22 6.31 -19.22
CA THR B 314 3.35 7.68 -19.71
C THR B 314 2.49 8.55 -18.80
N GLY B 315 3.14 9.27 -17.89
CA GLY B 315 2.46 10.18 -17.01
C GLY B 315 2.19 11.52 -17.68
N VAL B 316 1.66 12.45 -16.89
CA VAL B 316 1.25 13.76 -17.39
C VAL B 316 1.68 14.80 -16.37
N TYR B 317 2.48 15.78 -16.80
CA TYR B 317 2.97 16.81 -15.89
C TYR B 317 1.90 17.86 -15.62
N ASP B 318 1.64 18.11 -14.33
CA ASP B 318 0.69 19.14 -13.91
C ASP B 318 1.46 20.43 -13.64
N LYS B 319 1.28 21.42 -14.51
CA LYS B 319 2.03 22.67 -14.38
C LYS B 319 1.64 23.45 -13.13
N LYS B 320 0.38 23.33 -12.68
CA LYS B 320 -0.07 24.15 -11.55
C LYS B 320 0.58 23.71 -10.25
N TRP B 321 0.79 22.40 -10.08
CA TRP B 321 1.32 21.88 -8.82
C TRP B 321 2.70 21.24 -8.97
N GLY B 322 3.28 21.25 -10.16
CA GLY B 322 4.63 20.75 -10.34
C GLY B 322 4.78 19.27 -10.08
N ARG B 323 3.81 18.47 -10.52
CA ARG B 323 3.80 17.03 -10.27
C ARG B 323 3.59 16.28 -11.57
N TYR B 324 4.43 15.27 -11.79
CA TYR B 324 4.24 14.32 -12.89
C TYR B 324 3.23 13.28 -12.43
N MET B 325 2.01 13.34 -13.00
CA MET B 325 0.87 12.57 -12.53
C MET B 325 0.81 11.24 -13.26
N PRO B 326 0.13 10.25 -12.68
CA PRO B 326 -0.10 8.98 -13.40
C PRO B 326 -0.91 9.20 -14.67
N PRO B 327 -1.02 8.20 -15.53
CA PRO B 327 -1.86 8.37 -16.73
C PRO B 327 -3.29 8.72 -16.36
N GLU B 328 -3.90 9.59 -17.16
CA GLU B 328 -5.25 10.08 -16.85
C GLU B 328 -6.27 8.97 -16.87
N SER B 329 -6.10 7.98 -17.74
CA SER B 329 -6.98 6.80 -17.73
C SER B 329 -6.96 6.12 -16.37
N PHE B 330 -5.78 5.99 -15.75
CA PHE B 330 -5.68 5.39 -14.43
C PHE B 330 -6.33 6.25 -13.36
N THR B 331 -6.26 7.57 -13.50
CA THR B 331 -6.80 8.46 -12.47
C THR B 331 -8.32 8.44 -12.46
N LYS B 332 -8.95 8.33 -13.64
CA LYS B 332 -10.40 8.21 -13.69
C LYS B 332 -10.87 6.85 -13.18
N ASP B 333 -10.19 5.78 -13.61
CA ASP B 333 -10.62 4.43 -13.26
C ASP B 333 -10.44 4.13 -11.78
N ARG B 334 -9.42 4.71 -11.13
CA ARG B 334 -9.11 4.38 -9.75
C ARG B 334 -9.09 5.63 -8.87
N LYS B 335 -9.93 6.63 -9.18
CA LYS B 335 -9.97 7.85 -8.38
C LYS B 335 -10.23 7.53 -6.91
N GLY B 336 -9.45 8.17 -6.02
N GLY B 336 -9.45 8.17 -6.02
CA GLY B 336 -9.49 7.90 -4.60
CA GLY B 336 -9.49 7.90 -4.60
C GLY B 336 -8.34 7.04 -4.12
C GLY B 336 -8.34 7.04 -4.12
N MET B 337 -7.86 6.12 -4.98
CA MET B 337 -6.69 5.28 -4.69
C MET B 337 -5.90 5.18 -5.99
N SER B 338 -5.31 6.30 -6.40
CA SER B 338 -4.67 6.37 -7.72
C SER B 338 -3.35 7.13 -7.68
N ASP B 339 -2.59 7.02 -6.59
CA ASP B 339 -1.25 7.58 -6.63
C ASP B 339 -0.32 6.59 -7.35
N TRP B 340 0.94 6.99 -7.53
CA TRP B 340 1.87 6.16 -8.28
C TRP B 340 2.09 4.81 -7.61
N GLY B 341 2.09 4.78 -6.28
CA GLY B 341 2.16 3.51 -5.57
C GLY B 341 0.96 2.61 -5.83
N ASP B 342 -0.22 3.21 -6.01
CA ASP B 342 -1.40 2.43 -6.40
C ASP B 342 -1.25 1.90 -7.81
N TYR B 343 -0.67 2.70 -8.72
CA TYR B 343 -0.39 2.20 -10.06
C TYR B 343 0.53 0.99 -10.02
N VAL B 344 1.53 1.03 -9.13
CA VAL B 344 2.47 -0.08 -9.00
C VAL B 344 1.72 -1.35 -8.59
N ARG B 345 0.83 -1.24 -7.60
N ARG B 345 0.80 -1.24 -7.64
CA ARG B 345 0.07 -2.38 -7.13
CA ARG B 345 0.10 -2.43 -7.16
C ARG B 345 -0.78 -2.98 -8.25
C ARG B 345 -0.83 -3.00 -8.21
N GLU B 346 -1.60 -2.13 -8.90
CA GLU B 346 -2.54 -2.61 -9.91
C GLU B 346 -1.83 -3.23 -11.10
N ASN B 347 -0.59 -2.82 -11.37
CA ASN B 347 0.12 -3.30 -12.55
C ASN B 347 1.25 -4.26 -12.24
N GLY B 348 1.43 -4.63 -10.97
CA GLY B 348 2.45 -5.63 -10.61
C GLY B 348 3.86 -5.21 -10.95
N ILE B 349 4.17 -3.92 -10.81
CA ILE B 349 5.51 -3.39 -11.10
C ILE B 349 6.45 -3.74 -9.96
N VAL B 350 7.69 -4.12 -10.30
CA VAL B 350 8.75 -4.29 -9.31
C VAL B 350 9.96 -3.46 -9.75
N PHE B 351 10.86 -3.22 -8.81
CA PHE B 351 12.07 -2.42 -9.06
C PHE B 351 13.24 -3.39 -9.26
N ASN B 352 13.62 -3.57 -10.53
CA ASN B 352 14.64 -4.55 -10.88
C ASN B 352 15.15 -4.19 -12.26
N GLY B 353 16.45 -3.98 -12.41
CA GLY B 353 17.03 -3.58 -13.67
C GLY B 353 18.50 -3.93 -13.77
N PRO B 354 19.13 -3.54 -14.87
CA PRO B 354 20.55 -3.86 -15.05
C PRO B 354 21.41 -3.26 -13.95
N VAL B 355 22.50 -3.96 -13.64
CA VAL B 355 23.41 -3.51 -12.59
C VAL B 355 24.83 -3.76 -13.05
N LEU B 356 25.71 -2.78 -12.85
CA LEU B 356 27.13 -2.88 -13.14
C LEU B 356 27.91 -2.47 -11.91
N ALA B 357 29.19 -2.86 -11.89
CA ALA B 357 30.10 -2.50 -10.82
C ALA B 357 31.32 -1.78 -11.39
N LEU B 358 31.89 -0.89 -10.57
CA LEU B 358 33.11 -0.18 -10.94
C LEU B 358 34.32 -1.02 -10.51
N ASP B 359 35.10 -1.48 -11.47
CA ASP B 359 36.23 -2.34 -11.14
C ASP B 359 37.46 -1.51 -10.77
N LYS B 360 38.56 -2.21 -10.47
CA LYS B 360 39.74 -1.54 -9.93
C LYS B 360 40.35 -0.55 -10.92
N SER B 361 40.16 -0.76 -12.21
CA SER B 361 40.74 0.09 -13.24
C SER B 361 39.87 1.30 -13.57
N GLY B 362 38.72 1.46 -12.90
CA GLY B 362 37.85 2.58 -13.19
C GLY B 362 36.89 2.37 -14.34
N LYS B 363 36.57 1.13 -14.67
CA LYS B 363 35.62 0.83 -15.73
C LYS B 363 34.38 0.14 -15.14
N LEU B 364 33.23 0.42 -15.74
CA LEU B 364 31.98 -0.22 -15.32
C LEU B 364 31.80 -1.49 -16.14
N ASP B 365 31.63 -2.62 -15.45
CA ASP B 365 31.51 -3.93 -16.07
C ASP B 365 30.48 -4.74 -15.30
N THR B 366 30.08 -5.87 -15.88
CA THR B 366 29.12 -6.74 -15.21
C THR B 366 29.70 -7.25 -13.89
N LEU B 367 28.80 -7.53 -12.93
CA LEU B 367 29.24 -8.05 -11.65
C LEU B 367 30.06 -9.33 -11.83
N GLU B 368 29.65 -10.18 -12.77
CA GLU B 368 30.39 -11.42 -13.03
C GLU B 368 31.81 -11.13 -13.49
N ASN B 369 31.98 -10.16 -14.40
CA ASN B 369 33.32 -9.86 -14.92
C ASN B 369 34.20 -9.25 -13.83
N VAL B 370 33.65 -8.34 -13.03
CA VAL B 370 34.45 -7.71 -11.99
C VAL B 370 34.83 -8.71 -10.91
N ALA B 371 33.95 -9.67 -10.61
CA ALA B 371 34.26 -10.68 -9.61
C ALA B 371 35.41 -11.59 -10.04
N SER B 372 35.51 -11.86 -11.34
CA SER B 372 36.60 -12.69 -11.85
C SER B 372 37.97 -12.13 -11.50
N ARG B 373 38.11 -10.81 -11.52
CA ARG B 373 39.40 -10.15 -11.48
C ARG B 373 39.80 -9.73 -10.06
N MET C 1 3.09 31.93 8.36
CA MET C 1 2.76 31.69 9.76
C MET C 1 2.37 30.23 9.98
N GLN C 2 2.14 29.88 11.24
CA GLN C 2 1.80 28.52 11.63
C GLN C 2 0.29 28.33 11.64
N ILE C 3 -0.17 27.23 11.04
CA ILE C 3 -1.47 26.66 11.34
C ILE C 3 -1.28 25.16 11.49
N PHE C 4 -2.17 24.54 12.25
CA PHE C 4 -2.13 23.10 12.49
C PHE C 4 -3.32 22.44 11.82
N VAL C 5 -3.05 21.35 11.10
CA VAL C 5 -4.09 20.52 10.50
C VAL C 5 -4.09 19.18 11.21
N LYS C 6 -5.27 18.67 11.52
CA LYS C 6 -5.38 17.54 12.42
C LYS C 6 -6.52 16.65 11.95
N THR C 7 -6.23 15.36 11.73
CA THR C 7 -7.24 14.42 11.24
C THR C 7 -8.11 13.95 12.40
N LEU C 8 -9.22 13.29 12.04
CA LEU C 8 -10.11 12.74 13.04
C LEU C 8 -9.40 11.71 13.92
N THR C 9 -8.39 11.03 13.38
CA THR C 9 -7.62 10.04 14.12
C THR C 9 -6.44 10.63 14.87
N GLY C 10 -6.27 11.96 14.85
CA GLY C 10 -5.27 12.60 15.67
C GLY C 10 -3.93 12.87 15.01
N LYS C 11 -3.78 12.58 13.72
CA LYS C 11 -2.55 12.93 13.03
C LYS C 11 -2.46 14.44 12.88
N THR C 12 -1.34 15.03 13.26
CA THR C 12 -1.14 16.47 13.24
C THR C 12 -0.14 16.86 12.16
N ILE C 13 -0.49 17.88 11.38
CA ILE C 13 0.36 18.43 10.34
C ILE C 13 0.51 19.93 10.59
N THR C 14 1.73 20.43 10.43
CA THR C 14 2.02 21.86 10.59
C THR C 14 2.35 22.46 9.24
N LEU C 15 1.71 23.59 8.92
CA LEU C 15 1.86 24.24 7.63
C LEU C 15 2.41 25.66 7.79
N GLU C 16 3.09 26.13 6.74
CA GLU C 16 3.50 27.52 6.63
C GLU C 16 2.55 28.20 5.64
N VAL C 17 1.74 29.13 6.15
CA VAL C 17 0.71 29.77 5.35
C VAL C 17 0.78 31.28 5.56
N GLU C 18 0.00 31.98 4.75
CA GLU C 18 -0.31 33.40 4.91
C GLU C 18 -1.82 33.55 4.95
N PRO C 19 -2.33 34.66 5.49
CA PRO C 19 -3.78 34.86 5.43
C PRO C 19 -4.29 35.03 4.02
N SER C 20 -3.40 35.31 3.06
CA SER C 20 -3.79 35.44 1.67
C SER C 20 -3.92 34.09 0.96
N ASP C 21 -3.42 33.02 1.57
CA ASP C 21 -3.47 31.71 0.92
C ASP C 21 -4.91 31.24 0.78
N THR C 22 -5.22 30.68 -0.39
CA THR C 22 -6.54 30.11 -0.63
C THR C 22 -6.60 28.67 -0.15
N ILE C 23 -7.82 28.22 0.17
CA ILE C 23 -8.03 26.87 0.68
C ILE C 23 -7.50 25.83 -0.30
N GLU C 24 -7.60 26.10 -1.60
CA GLU C 24 -6.98 25.25 -2.61
C GLU C 24 -5.48 25.12 -2.35
N ASN C 25 -4.79 26.26 -2.20
CA ASN C 25 -3.37 26.24 -1.86
C ASN C 25 -3.11 25.49 -0.57
N VAL C 26 -4.03 25.58 0.40
CA VAL C 26 -3.80 24.93 1.68
C VAL C 26 -3.94 23.42 1.54
N LYS C 27 -4.90 22.97 0.72
CA LYS C 27 -5.01 21.54 0.42
C LYS C 27 -3.81 21.04 -0.36
N ALA C 28 -3.21 21.91 -1.18
CA ALA C 28 -2.00 21.52 -1.91
C ALA C 28 -0.82 21.38 -0.96
N LYS C 29 -0.74 22.25 0.06
CA LYS C 29 0.32 22.13 1.06
C LYS C 29 0.18 20.85 1.87
N ILE C 30 -1.06 20.40 2.11
CA ILE C 30 -1.28 19.15 2.83
C ILE C 30 -0.87 17.97 1.97
N GLN C 31 -1.21 18.00 0.68
CA GLN C 31 -0.73 16.96 -0.22
C GLN C 31 0.79 16.93 -0.28
N ASP C 32 1.42 18.10 -0.19
CA ASP C 32 2.88 18.15 -0.25
C ASP C 32 3.51 17.41 0.92
N LYS C 33 2.94 17.54 2.13
CA LYS C 33 3.59 16.90 3.26
C LYS C 33 3.12 15.45 3.41
N GLU C 34 1.85 15.18 3.07
CA GLU C 34 1.24 13.87 3.32
C GLU C 34 0.78 13.11 2.09
N GLY C 35 0.75 13.72 0.91
CA GLY C 35 0.31 13.01 -0.26
C GLY C 35 -1.18 12.74 -0.35
N ILE C 36 -1.98 13.40 0.49
CA ILE C 36 -3.43 13.26 0.44
C ILE C 36 -3.97 14.09 -0.71
N PRO C 37 -4.61 13.49 -1.71
CA PRO C 37 -5.14 14.27 -2.82
C PRO C 37 -6.16 15.28 -2.34
N PRO C 38 -6.10 16.52 -2.84
CA PRO C 38 -7.06 17.55 -2.39
C PRO C 38 -8.50 17.11 -2.57
N ASP C 39 -8.76 16.19 -3.50
CA ASP C 39 -10.11 15.69 -3.75
C ASP C 39 -10.69 15.03 -2.50
N GLN C 40 -9.84 14.33 -1.74
CA GLN C 40 -10.29 13.56 -0.59
C GLN C 40 -10.34 14.38 0.70
N GLN C 41 -10.06 15.68 0.62
CA GLN C 41 -9.92 16.51 1.81
C GLN C 41 -11.19 17.31 2.07
N ARG C 42 -11.69 17.23 3.31
CA ARG C 42 -12.62 18.21 3.85
C ARG C 42 -11.89 18.93 4.99
N LEU C 43 -11.74 20.24 4.84
CA LEU C 43 -11.16 21.07 5.90
C LEU C 43 -12.28 21.75 6.66
N ILE C 44 -12.29 21.57 7.99
CA ILE C 44 -13.29 22.15 8.86
C ILE C 44 -12.59 23.12 9.81
N PHE C 45 -13.11 24.34 9.89
CA PHE C 45 -12.71 25.29 10.93
C PHE C 45 -13.97 25.87 11.55
N ALA C 46 -14.13 25.67 12.86
CA ALA C 46 -15.27 26.17 13.61
C ALA C 46 -16.59 25.73 12.97
N GLY C 47 -16.72 24.42 12.80
CA GLY C 47 -17.96 23.82 12.32
C GLY C 47 -18.31 24.07 10.88
N LYS C 48 -17.56 24.91 10.16
CA LYS C 48 -17.86 25.25 8.78
C LYS C 48 -16.92 24.50 7.84
N GLN C 49 -17.49 23.91 6.78
CA GLN C 49 -16.65 23.46 5.68
C GLN C 49 -16.01 24.66 5.02
N LEU C 50 -14.75 24.50 4.61
CA LEU C 50 -13.97 25.59 4.04
C LEU C 50 -14.03 25.52 2.52
N GLU C 51 -14.61 26.54 1.90
CA GLU C 51 -14.77 26.55 0.45
C GLU C 51 -13.43 26.76 -0.25
N ASP C 52 -13.24 26.06 -1.36
CA ASP C 52 -11.92 26.01 -2.01
C ASP C 52 -11.45 27.40 -2.44
N GLY C 53 -12.37 28.25 -2.88
CA GLY C 53 -11.99 29.54 -3.43
C GLY C 53 -11.76 30.65 -2.43
N ARG C 54 -12.18 30.48 -1.18
CA ARG C 54 -12.02 31.52 -0.18
C ARG C 54 -10.60 31.48 0.40
N THR C 55 -10.31 32.43 1.28
CA THR C 55 -8.98 32.60 1.85
C THR C 55 -9.01 32.36 3.36
N LEU C 56 -7.81 32.24 3.94
CA LEU C 56 -7.69 32.01 5.37
C LEU C 56 -8.12 33.20 6.21
N SER C 57 -8.09 34.41 5.65
CA SER C 57 -8.62 35.57 6.37
C SER C 57 -10.13 35.63 6.29
N ASP C 58 -10.71 35.17 5.17
CA ASP C 58 -12.17 35.09 5.04
C ASP C 58 -12.78 34.34 6.21
N TYR C 59 -12.13 33.25 6.63
CA TYR C 59 -12.59 32.45 7.77
C TYR C 59 -11.95 32.89 9.08
N ASN C 60 -11.20 33.99 9.07
CA ASN C 60 -10.55 34.53 10.27
C ASN C 60 -9.63 33.49 10.91
N ILE C 61 -8.90 32.75 10.08
CA ILE C 61 -7.93 31.77 10.55
C ILE C 61 -6.60 32.50 10.76
N GLN C 62 -6.17 32.60 12.02
CA GLN C 62 -4.96 33.33 12.37
C GLN C 62 -3.85 32.35 12.73
N LYS C 63 -2.77 32.89 13.31
CA LYS C 63 -1.61 32.08 13.62
C LYS C 63 -1.94 31.02 14.68
N GLU C 64 -1.46 29.80 14.42
CA GLU C 64 -1.58 28.67 15.35
C GLU C 64 -3.03 28.24 15.56
N SER C 65 -3.89 28.51 14.58
CA SER C 65 -5.21 27.90 14.56
C SER C 65 -5.07 26.41 14.23
N THR C 66 -6.06 25.63 14.62
CA THR C 66 -6.13 24.21 14.28
C THR C 66 -7.30 23.97 13.33
N LEU C 67 -6.99 23.53 12.13
CA LEU C 67 -8.00 23.06 11.18
C LEU C 67 -8.19 21.56 11.36
N HIS C 68 -9.36 21.09 10.95
CA HIS C 68 -9.70 19.68 11.07
C HIS C 68 -9.83 19.08 9.67
N LEU C 69 -9.01 18.07 9.39
CA LEU C 69 -8.98 17.39 8.10
C LEU C 69 -9.85 16.15 8.21
N VAL C 70 -11.02 16.18 7.60
CA VAL C 70 -11.95 15.06 7.62
C VAL C 70 -11.62 14.18 6.41
N LEU C 71 -11.12 12.98 6.69
CA LEU C 71 -10.76 12.03 5.66
C LEU C 71 -11.60 10.77 5.82
N ARG C 72 -11.64 9.98 4.76
CA ARG C 72 -12.41 8.74 4.74
C ARG C 72 -11.35 7.67 4.43
N LEU C 73 -10.92 6.95 5.46
CA LEU C 73 -9.62 6.27 5.45
C LEU C 73 -9.56 5.12 4.46
N ARG C 74 -8.39 4.95 3.83
CA ARG C 74 -8.19 4.06 2.70
C ARG C 74 -7.55 2.74 3.13
N GLY C 75 -7.94 1.67 2.44
CA GLY C 75 -7.43 0.34 2.72
C GLY C 75 -6.16 0.01 1.97
N MET D 1 -13.07 0.79 35.27
CA MET D 1 -13.05 -0.17 34.19
C MET D 1 -11.64 -0.35 33.65
N GLN D 2 -11.19 -1.59 33.53
CA GLN D 2 -9.87 -1.90 33.01
C GLN D 2 -9.97 -2.28 31.53
N ILE D 3 -9.10 -1.67 30.73
CA ILE D 3 -8.90 -2.08 29.34
C ILE D 3 -7.40 -2.24 29.13
N PHE D 4 -7.06 -3.02 28.12
CA PHE D 4 -5.66 -3.34 27.80
C PHE D 4 -5.27 -2.70 26.48
N VAL D 5 -4.01 -2.29 26.40
CA VAL D 5 -3.43 -1.76 25.17
C VAL D 5 -2.19 -2.59 24.85
N LYS D 6 -2.22 -3.27 23.71
CA LYS D 6 -1.16 -4.17 23.30
C LYS D 6 -0.30 -3.48 22.25
N THR D 7 1.03 -3.54 22.43
CA THR D 7 1.96 -2.86 21.55
C THR D 7 2.57 -3.85 20.55
N LEU D 8 3.40 -3.31 19.65
CA LEU D 8 4.06 -4.15 18.65
C LEU D 8 4.97 -5.19 19.29
N THR D 9 5.65 -4.81 20.37
CA THR D 9 6.53 -5.74 21.07
C THR D 9 5.78 -6.87 21.76
N GLY D 10 4.45 -6.83 21.79
CA GLY D 10 3.67 -7.75 22.58
C GLY D 10 3.42 -7.31 24.00
N LYS D 11 4.02 -6.20 24.43
CA LYS D 11 3.77 -5.66 25.76
C LYS D 11 2.33 -5.21 25.90
N THR D 12 1.77 -5.40 27.10
CA THR D 12 0.38 -5.06 27.38
C THR D 12 0.33 -4.01 28.49
N ILE D 13 -0.22 -2.85 28.17
CA ILE D 13 -0.49 -1.79 29.14
C ILE D 13 -1.88 -1.98 29.70
N THR D 14 -2.06 -1.78 31.00
CA THR D 14 -3.37 -1.81 31.62
C THR D 14 -3.79 -0.38 31.94
N LEU D 15 -4.93 0.01 31.42
CA LEU D 15 -5.42 1.37 31.67
C LEU D 15 -6.69 1.33 32.53
N GLU D 16 -6.92 2.38 33.32
CA GLU D 16 -8.15 2.49 34.15
C GLU D 16 -8.99 3.56 33.48
N VAL D 17 -10.18 3.19 33.02
CA VAL D 17 -10.98 4.13 32.21
C VAL D 17 -12.46 4.04 32.52
N GLU D 18 -13.23 4.90 31.88
CA GLU D 18 -14.68 4.88 31.96
C GLU D 18 -15.26 4.84 30.56
N PRO D 19 -16.45 4.25 30.38
CA PRO D 19 -17.04 4.15 29.05
C PRO D 19 -17.19 5.48 28.33
N SER D 20 -17.38 6.58 29.06
CA SER D 20 -17.55 7.90 28.46
C SER D 20 -16.23 8.54 28.04
N ASP D 21 -15.10 7.94 28.38
CA ASP D 21 -13.82 8.52 28.00
C ASP D 21 -13.64 8.51 26.48
N THR D 22 -13.12 9.60 25.95
CA THR D 22 -12.83 9.67 24.52
C THR D 22 -11.51 8.98 24.22
N ILE D 23 -11.33 8.62 22.94
CA ILE D 23 -10.06 8.05 22.51
C ILE D 23 -8.91 9.02 22.79
N GLU D 24 -9.19 10.33 22.68
CA GLU D 24 -8.18 11.33 23.02
C GLU D 24 -7.79 11.22 24.50
N ASN D 25 -8.78 11.08 25.38
CA ASN D 25 -8.47 10.83 26.78
C ASN D 25 -7.61 9.58 26.94
N VAL D 26 -7.92 8.52 26.19
CA VAL D 26 -7.21 7.26 26.33
C VAL D 26 -5.76 7.41 25.87
N LYS D 27 -5.53 8.14 24.78
CA LYS D 27 -4.16 8.39 24.32
C LYS D 27 -3.40 9.22 25.34
N ALA D 28 -4.07 10.17 25.99
CA ALA D 28 -3.42 10.93 27.05
C ALA D 28 -3.06 10.03 28.23
N LYS D 29 -3.93 9.07 28.55
CA LYS D 29 -3.60 8.11 29.60
C LYS D 29 -2.43 7.23 29.20
N ILE D 30 -2.28 6.95 27.91
CA ILE D 30 -1.15 6.16 27.45
C ILE D 30 0.14 6.94 27.60
N GLN D 31 0.12 8.24 27.27
CA GLN D 31 1.27 9.10 27.49
C GLN D 31 1.67 9.13 28.96
N ASP D 32 0.70 8.95 29.86
CA ASP D 32 0.99 9.03 31.29
C ASP D 32 1.83 7.85 31.76
N LYS D 33 1.42 6.62 31.43
CA LYS D 33 2.18 5.44 31.85
C LYS D 33 3.42 5.21 31.00
N GLU D 34 3.41 5.62 29.72
CA GLU D 34 4.43 5.21 28.77
C GLU D 34 5.20 6.35 28.12
N GLY D 35 4.74 7.57 28.21
CA GLY D 35 5.48 8.70 27.66
C GLY D 35 5.35 8.91 26.18
N ILE D 36 4.57 8.09 25.47
CA ILE D 36 4.39 8.26 24.03
C ILE D 36 3.48 9.45 23.78
N PRO D 37 3.93 10.43 22.99
CA PRO D 37 3.07 11.57 22.66
C PRO D 37 1.80 11.13 21.95
N PRO D 38 0.66 11.74 22.29
CA PRO D 38 -0.61 11.28 21.70
C PRO D 38 -0.65 11.35 20.18
N ASP D 39 -0.09 12.40 19.58
CA ASP D 39 -0.14 12.50 18.11
C ASP D 39 0.73 11.47 17.41
N GLN D 40 1.43 10.62 18.15
CA GLN D 40 2.15 9.47 17.60
C GLN D 40 1.39 8.17 17.73
N GLN D 41 0.23 8.17 18.38
CA GLN D 41 -0.50 6.95 18.68
C GLN D 41 -1.62 6.71 17.69
N ARG D 42 -1.62 5.54 17.07
CA ARG D 42 -2.80 5.02 16.38
C ARG D 42 -3.36 3.87 17.21
N LEU D 43 -4.62 3.99 17.60
CA LEU D 43 -5.29 2.96 18.37
C LEU D 43 -6.22 2.17 17.45
N ILE D 44 -6.04 0.85 17.41
CA ILE D 44 -6.83 -0.05 16.58
C ILE D 44 -7.74 -0.87 17.49
N PHE D 45 -8.99 -1.05 17.06
CA PHE D 45 -9.92 -1.95 17.70
C PHE D 45 -10.91 -2.46 16.67
N ALA D 46 -11.19 -3.75 16.74
CA ALA D 46 -12.17 -4.38 15.84
C ALA D 46 -11.86 -4.08 14.38
N GLY D 47 -10.57 -4.10 14.03
CA GLY D 47 -10.13 -3.93 12.65
C GLY D 47 -10.14 -2.51 12.13
N LYS D 48 -10.35 -1.50 12.97
CA LYS D 48 -10.43 -0.12 12.55
C LYS D 48 -9.57 0.76 13.45
N GLN D 49 -9.03 1.83 12.87
CA GLN D 49 -8.41 2.86 13.68
C GLN D 49 -9.50 3.73 14.29
N LEU D 50 -9.30 4.14 15.54
CA LEU D 50 -10.31 4.84 16.31
C LEU D 50 -10.09 6.34 16.23
N GLU D 51 -11.19 7.10 16.16
CA GLU D 51 -11.14 8.55 16.07
C GLU D 51 -11.09 9.16 17.46
N ASP D 52 -10.35 10.27 17.58
CA ASP D 52 -10.09 10.87 18.87
C ASP D 52 -11.36 11.30 19.58
N GLY D 53 -12.35 11.78 18.82
CA GLY D 53 -13.51 12.44 19.42
C GLY D 53 -14.60 11.51 19.91
N ARG D 54 -14.58 10.25 19.50
CA ARG D 54 -15.61 9.30 19.94
C ARG D 54 -15.20 8.65 21.26
N THR D 55 -16.18 8.03 21.92
CA THR D 55 -15.97 7.45 23.23
C THR D 55 -15.71 5.95 23.13
N LEU D 56 -15.22 5.38 24.23
CA LEU D 56 -15.08 3.93 24.32
C LEU D 56 -16.44 3.25 24.13
N SER D 57 -17.48 3.84 24.71
CA SER D 57 -18.83 3.31 24.53
C SER D 57 -19.24 3.33 23.06
N ASP D 58 -18.96 4.43 22.36
CA ASP D 58 -19.28 4.53 20.94
C ASP D 58 -18.71 3.37 20.15
N TYR D 59 -17.51 2.92 20.52
CA TYR D 59 -16.84 1.83 19.81
C TYR D 59 -17.11 0.47 20.43
N ASN D 60 -18.01 0.40 21.41
CA ASN D 60 -18.34 -0.86 22.08
C ASN D 60 -17.11 -1.47 22.74
N ILE D 61 -16.23 -0.62 23.25
CA ILE D 61 -15.05 -1.07 23.97
C ILE D 61 -15.44 -1.24 25.43
N GLN D 62 -15.42 -2.48 25.90
CA GLN D 62 -15.93 -2.84 27.21
C GLN D 62 -14.80 -3.32 28.11
N LYS D 63 -15.13 -3.64 29.35
CA LYS D 63 -14.12 -4.03 30.32
C LYS D 63 -13.25 -5.16 29.78
N GLU D 64 -11.94 -5.00 29.92
CA GLU D 64 -10.95 -6.02 29.54
C GLU D 64 -10.91 -6.26 28.03
N SER D 65 -11.47 -5.34 27.24
CA SER D 65 -11.16 -5.31 25.83
C SER D 65 -9.69 -4.97 25.63
N THR D 66 -9.15 -5.34 24.47
CA THR D 66 -7.76 -5.06 24.15
C THR D 66 -7.69 -4.17 22.91
N LEU D 67 -7.10 -3.00 23.09
CA LEU D 67 -6.73 -2.08 22.03
C LEU D 67 -5.32 -2.38 21.55
N HIS D 68 -5.06 -2.02 20.29
CA HIS D 68 -3.76 -2.24 19.69
C HIS D 68 -3.13 -0.90 19.32
N LEU D 69 -1.96 -0.63 19.89
CA LEU D 69 -1.25 0.61 19.66
C LEU D 69 -0.24 0.41 18.54
N VAL D 70 -0.34 1.24 17.50
CA VAL D 70 0.61 1.27 16.39
C VAL D 70 1.15 2.69 16.30
N LEU D 71 2.47 2.85 16.41
CA LEU D 71 3.06 4.18 16.41
C LEU D 71 3.15 4.74 14.99
N ARG D 72 2.97 6.05 14.88
CA ARG D 72 3.20 6.74 13.62
C ARG D 72 4.69 6.94 13.42
N LEU D 73 5.19 6.55 12.24
CA LEU D 73 6.57 6.79 11.87
C LEU D 73 6.59 7.93 10.85
N ARG D 74 7.25 9.02 11.21
CA ARG D 74 7.29 10.21 10.38
C ARG D 74 8.62 10.32 9.65
N GLY D 75 8.59 11.03 8.52
CA GLY D 75 9.80 11.32 7.78
C GLY D 75 10.66 12.34 8.49
#